data_4C27
#
_entry.id   4C27
#
_cell.length_a   73.104
_cell.length_b   79.158
_cell.length_c   176.945
_cell.angle_alpha   90.00
_cell.angle_beta   90.00
_cell.angle_gamma   90.00
#
_symmetry.space_group_name_H-M   'P 21 21 21'
#
loop_
_entity.id
_entity.type
_entity.pdbx_description
1 polymer 'STEROL 14-ALPHA DEMETHYLASE'
2 non-polymer 'PROTOPORPHYRIN IX CONTAINING FE'
3 non-polymer Nalpha-(2-fluoro-4-{4-[4-(trifluoromethyl)phenyl]piperazin-1-yl}benzoyl)-N-pyridin-4-yl-D-tryptophanamide
4 non-polymer 1,2-ETHANEDIOL
5 non-polymer 'CHLORIDE ION'
6 water water
#
_entity_poly.entity_id   1
_entity_poly.type   'polypeptide(L)'
_entity_poly.pdbx_seq_one_letter_code
;MAKKTSSKPTDPPVYPVTVPFLGHIVQFGKNPLEFMQRCKRDLKSGVFTISIGGQRVTIVGDPHEHSRFFSPRNEILSPR
EVYTIMTPVFGEGVAYAAPYPRMREQLNFLAEELTIAKFQNFVPAIQHEVRKFMAENWKEDEGVINLLEDCGAMIINTAC
QCLFGEDLRKRLNARHFAQLLSKMESSLIPAAVFMPWLLRLPLPQSARCREARAELQKILGEIIVAREKEEASKDNNTSD
LLGGLLKAVYRDGTRMSLHEVCGMIVAAMFAGQHTSTITTSWSMLHLMHPKNKKWLDKLHKEIDEFPAQLNYDNVMDEMP
FAERCVRESIRRDPPLLMVMRMVKAEVKVGSYVVPKGDIIACSPLLSHHDEEAFPNPRLWDPERDEKVDGAFIGFGAGVH
KCIGQKFALLQVKTILATAFREYDFQLLRDEVPDPDYHTMVVGPTLNQCLVKYTRKKKLPSHHHHHH
;
_entity_poly.pdbx_strand_id   A,B
#
# COMPACT_ATOMS: atom_id res chain seq x y z
N PRO A 9 18.03 -36.72 15.74
CA PRO A 9 17.79 -37.56 16.93
C PRO A 9 16.84 -36.97 18.02
N THR A 10 17.05 -35.72 18.39
CA THR A 10 16.93 -35.29 19.77
C THR A 10 15.65 -34.50 20.08
N ASP A 11 15.03 -34.82 21.18
CA ASP A 11 13.86 -34.07 21.64
C ASP A 11 14.33 -32.68 22.08
N PRO A 12 13.51 -31.64 21.85
CA PRO A 12 13.86 -30.39 22.51
C PRO A 12 13.89 -30.53 24.07
N PRO A 13 14.71 -29.71 24.75
CA PRO A 13 14.70 -29.73 26.21
C PRO A 13 13.35 -29.33 26.82
N VAL A 14 12.97 -29.96 27.93
CA VAL A 14 11.66 -29.74 28.54
C VAL A 14 11.95 -28.95 29.82
N TYR A 15 11.24 -27.85 30.07
CA TYR A 15 11.42 -27.16 31.36
C TYR A 15 11.01 -28.09 32.53
N PRO A 16 11.78 -28.11 33.62
CA PRO A 16 11.51 -29.09 34.67
C PRO A 16 10.12 -28.96 35.20
N VAL A 17 9.45 -30.06 35.42
CA VAL A 17 8.07 -30.03 35.98
C VAL A 17 8.11 -30.47 37.42
N THR A 18 7.57 -29.69 38.35
CA THR A 18 7.45 -30.18 39.75
C THR A 18 6.06 -30.69 40.23
N VAL A 19 5.00 -30.45 39.48
CA VAL A 19 3.65 -30.88 39.83
C VAL A 19 3.08 -31.50 38.58
N PRO A 20 2.96 -32.86 38.53
CA PRO A 20 2.65 -33.52 37.23
C PRO A 20 1.25 -33.16 36.64
N PHE A 21 0.23 -33.13 37.46
CA PHE A 21 -1.04 -32.81 36.91
C PHE A 21 -0.98 -31.47 36.12
N LEU A 22 -0.36 -30.44 36.69
CA LEU A 22 -0.52 -29.13 36.09
C LEU A 22 0.53 -28.82 35.05
N GLY A 23 1.69 -29.42 35.15
CA GLY A 23 2.79 -29.02 34.29
C GLY A 23 3.15 -27.57 34.63
N HIS A 24 3.12 -26.69 33.64
CA HIS A 24 3.55 -25.34 33.85
C HIS A 24 2.39 -24.38 33.80
N ILE A 25 1.17 -24.84 34.06
CA ILE A 25 0.01 -23.94 34.10
C ILE A 25 0.24 -22.69 34.97
N VAL A 26 0.74 -22.87 36.18
CA VAL A 26 0.83 -21.75 37.09
C VAL A 26 1.72 -20.62 36.51
N GLN A 27 2.92 -20.97 36.07
CA GLN A 27 3.91 -19.99 35.64
C GLN A 27 3.55 -19.43 34.22
N PHE A 28 3.13 -20.29 33.30
CA PHE A 28 2.69 -19.82 32.00
C PHE A 28 1.41 -18.99 32.09
N GLY A 29 0.46 -19.39 32.91
CA GLY A 29 -0.78 -18.60 33.05
C GLY A 29 -0.50 -17.22 33.65
N LYS A 30 0.31 -17.19 34.71
CA LYS A 30 0.56 -15.96 35.41
C LYS A 30 1.30 -14.94 34.56
N ASN A 31 2.35 -15.37 33.89
CA ASN A 31 3.06 -14.41 33.10
C ASN A 31 3.78 -15.12 31.98
N PRO A 32 3.09 -15.27 30.81
CA PRO A 32 3.64 -16.02 29.66
C PRO A 32 4.94 -15.42 29.17
N LEU A 33 5.06 -14.10 29.21
CA LEU A 33 6.25 -13.44 28.66
C LEU A 33 7.44 -13.76 29.50
N GLU A 34 7.31 -13.64 30.81
CA GLU A 34 8.45 -13.98 31.63
C GLU A 34 8.83 -15.47 31.50
N PHE A 35 7.83 -16.33 31.61
CA PHE A 35 8.08 -17.76 31.61
C PHE A 35 8.66 -18.29 30.34
N MET A 36 8.20 -17.87 29.17
CA MET A 36 8.81 -18.27 27.97
C MET A 36 10.24 -17.73 27.79
N GLN A 37 10.51 -16.49 28.15
CA GLN A 37 11.90 -16.05 28.14
C GLN A 37 12.78 -16.83 29.09
N ARG A 38 12.33 -17.07 30.29
CA ARG A 38 13.02 -17.95 31.26
C ARG A 38 13.36 -19.32 30.70
N CYS A 39 12.41 -20.01 30.02
CA CYS A 39 12.72 -21.31 29.51
C CYS A 39 13.82 -21.21 28.49
N LYS A 40 13.63 -20.29 27.55
CA LYS A 40 14.58 -20.10 26.45
C LYS A 40 15.95 -19.78 26.96
N ARG A 41 16.01 -18.98 27.99
CA ARG A 41 17.30 -18.53 28.53
C ARG A 41 17.92 -19.64 29.36
N ASP A 42 17.20 -20.15 30.33
CA ASP A 42 17.78 -21.19 31.23
C ASP A 42 18.00 -22.53 30.55
N LEU A 43 17.18 -22.94 29.58
CA LEU A 43 17.46 -24.18 28.80
C LEU A 43 18.46 -23.97 27.71
N LYS A 44 18.83 -22.72 27.45
CA LYS A 44 19.81 -22.42 26.44
C LYS A 44 19.39 -22.91 25.07
N SER A 45 18.11 -22.73 24.77
CA SER A 45 17.53 -23.20 23.51
C SER A 45 16.31 -22.39 23.12
N GLY A 46 16.32 -21.85 21.90
CA GLY A 46 15.16 -21.21 21.33
C GLY A 46 13.94 -22.13 21.24
N VAL A 47 14.19 -23.44 21.06
CA VAL A 47 13.19 -24.45 20.89
C VAL A 47 13.15 -25.31 22.12
N PHE A 48 12.00 -25.34 22.81
CA PHE A 48 11.88 -25.99 24.06
C PHE A 48 10.42 -26.48 24.26
N THR A 49 10.20 -27.29 25.25
CA THR A 49 8.92 -27.90 25.51
C THR A 49 8.46 -27.54 26.95
N ILE A 50 7.20 -27.18 27.09
CA ILE A 50 6.53 -27.07 28.39
C ILE A 50 5.32 -28.04 28.36
N SER A 51 4.61 -28.16 29.49
CA SER A 51 3.47 -28.97 29.69
C SER A 51 2.29 -28.08 30.15
N ILE A 52 1.16 -28.21 29.45
CA ILE A 52 -0.11 -27.65 29.92
C ILE A 52 -1.00 -28.81 30.28
N GLY A 53 -1.00 -29.12 31.59
CA GLY A 53 -1.84 -30.12 32.15
C GLY A 53 -1.41 -31.46 31.67
N GLY A 54 -0.16 -31.61 31.27
CA GLY A 54 0.37 -32.90 30.79
C GLY A 54 0.47 -32.98 29.28
N GLN A 55 -0.21 -32.10 28.57
CA GLN A 55 -0.01 -32.02 27.15
C GLN A 55 1.36 -31.34 26.88
N ARG A 56 2.23 -32.01 26.14
CA ARG A 56 3.44 -31.39 25.60
C ARG A 56 3.11 -30.26 24.63
N VAL A 57 3.79 -29.13 24.84
CA VAL A 57 3.70 -28.01 23.93
C VAL A 57 5.10 -27.53 23.58
N THR A 58 5.49 -27.75 22.32
CA THR A 58 6.82 -27.46 21.91
C THR A 58 6.77 -26.08 21.27
N ILE A 59 7.54 -25.13 21.77
CA ILE A 59 7.61 -23.72 21.26
C ILE A 59 8.82 -23.46 20.44
N VAL A 60 8.64 -22.98 19.21
CA VAL A 60 9.72 -22.60 18.30
C VAL A 60 9.91 -21.09 18.51
N GLY A 61 10.74 -20.78 19.50
CA GLY A 61 11.08 -19.42 19.94
C GLY A 61 12.38 -18.89 19.37
N ASP A 62 12.94 -19.58 18.39
CA ASP A 62 14.05 -19.06 17.64
C ASP A 62 13.47 -18.56 16.29
N PRO A 63 13.48 -17.24 16.04
CA PRO A 63 13.04 -16.66 14.78
C PRO A 63 13.74 -17.17 13.53
N HIS A 64 15.01 -17.59 13.64
CA HIS A 64 15.67 -18.27 12.51
C HIS A 64 15.01 -19.58 12.15
N GLU A 65 14.14 -20.10 13.00
CA GLU A 65 13.48 -21.38 12.71
C GLU A 65 12.00 -21.23 12.47
N HIS A 66 11.53 -19.99 12.30
CA HIS A 66 10.09 -19.73 12.08
C HIS A 66 9.50 -20.56 10.92
N SER A 67 10.27 -20.79 9.89
CA SER A 67 9.70 -21.37 8.70
C SER A 67 9.44 -22.87 8.93
N ARG A 68 10.01 -23.41 10.01
CA ARG A 68 9.75 -24.79 10.32
C ARG A 68 8.39 -24.94 10.96
N PHE A 69 7.85 -23.84 11.48
CA PHE A 69 6.47 -23.89 11.92
C PHE A 69 5.54 -23.54 10.77
N PHE A 70 5.86 -22.47 10.02
CA PHE A 70 4.87 -21.91 9.13
C PHE A 70 4.72 -22.61 7.75
N SER A 71 5.74 -23.36 7.31
CA SER A 71 5.78 -24.05 6.00
C SER A 71 5.22 -25.46 5.86
N PRO A 72 5.37 -26.31 6.84
CA PRO A 72 4.82 -27.68 6.58
C PRO A 72 3.37 -27.71 6.28
N ARG A 73 2.95 -28.69 5.50
CA ARG A 73 1.59 -28.74 5.05
C ARG A 73 0.60 -29.09 6.19
N ASN A 74 -0.70 -28.92 5.97
CA ASN A 74 -1.70 -29.19 6.94
C ASN A 74 -1.73 -30.65 7.46
N GLU A 75 -1.40 -31.59 6.56
CA GLU A 75 -1.43 -32.99 6.96
C GLU A 75 -0.27 -33.34 7.90
N ILE A 76 0.75 -32.48 7.97
CA ILE A 76 1.88 -32.66 8.88
C ILE A 76 1.74 -31.83 10.23
N LEU A 77 1.52 -30.52 10.09
CA LEU A 77 1.15 -29.57 11.20
C LEU A 77 -0.31 -29.09 10.96
N SER A 78 -1.22 -29.71 11.69
CA SER A 78 -2.67 -29.59 11.45
C SER A 78 -3.36 -28.64 12.46
N PRO A 79 -3.89 -27.49 11.98
CA PRO A 79 -4.62 -26.60 12.85
C PRO A 79 -5.96 -27.18 13.29
N ARG A 80 -6.50 -28.17 12.58
CA ARG A 80 -7.89 -28.60 12.87
C ARG A 80 -8.05 -28.98 14.34
N GLU A 81 -7.16 -29.81 14.83
CA GLU A 81 -7.33 -30.42 16.15
C GLU A 81 -7.15 -29.40 17.22
N VAL A 82 -6.28 -28.44 17.01
CA VAL A 82 -6.18 -27.36 18.01
C VAL A 82 -7.42 -26.45 18.13
N TYR A 83 -8.15 -26.22 17.06
CA TYR A 83 -9.26 -25.30 17.08
C TYR A 83 -10.65 -25.97 17.00
N THR A 84 -10.81 -27.20 17.48
CA THR A 84 -12.11 -27.83 17.53
C THR A 84 -13.04 -27.07 18.47
N ILE A 85 -12.56 -26.27 19.40
CA ILE A 85 -13.48 -25.50 20.27
C ILE A 85 -14.26 -24.43 19.47
N MET A 86 -13.78 -24.03 18.30
CA MET A 86 -14.51 -23.12 17.41
C MET A 86 -15.71 -23.73 16.57
N THR A 87 -15.84 -25.05 16.51
CA THR A 87 -16.88 -25.73 15.70
C THR A 87 -18.30 -25.21 15.98
N PRO A 88 -18.68 -25.03 17.24
CA PRO A 88 -20.00 -24.46 17.52
C PRO A 88 -20.13 -23.01 17.10
N VAL A 89 -19.03 -22.29 16.94
CA VAL A 89 -19.12 -20.91 16.49
C VAL A 89 -19.13 -20.84 14.96
N PHE A 90 -18.08 -21.31 14.28
CA PHE A 90 -18.04 -21.33 12.84
C PHE A 90 -19.03 -22.27 12.15
N GLY A 91 -19.22 -23.44 12.74
CA GLY A 91 -20.16 -24.45 12.32
C GLY A 91 -19.52 -25.75 11.93
N GLU A 92 -20.27 -26.84 12.02
CA GLU A 92 -19.77 -28.15 11.53
C GLU A 92 -19.43 -28.02 10.04
N GLY A 93 -18.34 -28.61 9.61
CA GLY A 93 -18.02 -28.59 8.16
C GLY A 93 -17.43 -27.24 7.75
N VAL A 94 -17.17 -26.35 8.70
CA VAL A 94 -16.77 -24.99 8.30
C VAL A 94 -15.37 -24.71 8.86
N ALA A 95 -14.63 -24.07 7.98
CA ALA A 95 -13.28 -23.70 8.18
C ALA A 95 -12.42 -24.92 8.55
N TYR A 96 -11.78 -24.85 9.73
CA TYR A 96 -10.96 -25.92 10.29
C TYR A 96 -11.61 -27.30 10.30
N ALA A 97 -12.91 -27.31 10.59
CA ALA A 97 -13.70 -28.50 10.62
C ALA A 97 -14.04 -29.13 9.24
N ALA A 98 -13.71 -28.46 8.13
CA ALA A 98 -13.87 -29.03 6.79
C ALA A 98 -12.63 -29.77 6.40
N PRO A 99 -12.75 -30.73 5.47
CA PRO A 99 -11.52 -31.34 4.89
C PRO A 99 -10.52 -30.25 4.49
N TYR A 100 -9.21 -30.48 4.57
CA TYR A 100 -8.28 -29.35 4.27
C TYR A 100 -8.46 -28.58 2.93
N PRO A 101 -8.71 -29.29 1.83
CA PRO A 101 -8.84 -28.52 0.55
C PRO A 101 -10.04 -27.59 0.52
N ARG A 102 -11.12 -28.06 1.09
CA ARG A 102 -12.31 -27.27 1.18
C ARG A 102 -12.19 -26.12 2.18
N MET A 103 -11.61 -26.38 3.35
CA MET A 103 -11.22 -25.29 4.20
C MET A 103 -10.52 -24.17 3.46
N ARG A 104 -9.53 -24.53 2.66
CA ARG A 104 -8.75 -23.55 1.93
C ARG A 104 -9.60 -22.76 0.95
N GLU A 105 -10.53 -23.44 0.26
CA GLU A 105 -11.43 -22.75 -0.68
C GLU A 105 -12.28 -21.73 0.07
N GLN A 106 -12.80 -22.13 1.22
CA GLN A 106 -13.71 -21.26 2.02
C GLN A 106 -12.95 -20.02 2.50
N LEU A 107 -11.74 -20.26 3.03
CA LEU A 107 -10.95 -19.11 3.52
C LEU A 107 -10.51 -18.16 2.40
N ASN A 108 -10.10 -18.71 1.25
CA ASN A 108 -9.85 -17.95 0.06
C ASN A 108 -11.04 -17.13 -0.40
N PHE A 109 -12.24 -17.71 -0.41
CA PHE A 109 -13.42 -16.90 -0.69
C PHE A 109 -13.57 -15.74 0.30
N LEU A 110 -13.36 -15.98 1.58
CA LEU A 110 -13.50 -14.85 2.52
C LEU A 110 -12.35 -13.88 2.29
N ALA A 111 -11.15 -14.38 1.96
CA ALA A 111 -10.05 -13.39 1.75
C ALA A 111 -10.36 -12.43 0.63
N GLU A 112 -11.03 -12.89 -0.43
CA GLU A 112 -11.34 -12.03 -1.60
C GLU A 112 -12.30 -10.95 -1.24
N GLU A 113 -13.11 -11.19 -0.22
CA GLU A 113 -14.02 -10.14 0.23
C GLU A 113 -13.31 -9.06 1.05
N LEU A 114 -12.05 -9.26 1.37
CA LEU A 114 -11.31 -8.35 2.21
C LEU A 114 -10.05 -7.80 1.55
N THR A 115 -9.90 -7.97 0.24
CA THR A 115 -8.76 -7.40 -0.50
C THR A 115 -9.04 -5.94 -0.90
N ILE A 116 -8.03 -5.28 -1.47
CA ILE A 116 -8.08 -3.86 -1.81
C ILE A 116 -9.11 -3.55 -2.90
N ALA A 117 -9.51 -4.54 -3.65
CA ALA A 117 -10.56 -4.35 -4.65
C ALA A 117 -11.83 -3.89 -4.00
N LYS A 118 -12.06 -4.28 -2.75
CA LYS A 118 -13.34 -4.03 -2.10
C LYS A 118 -13.32 -2.80 -1.27
N PHE A 119 -12.20 -2.12 -1.17
CA PHE A 119 -12.04 -1.04 -0.24
C PHE A 119 -12.42 0.37 -0.73
N GLN A 120 -12.87 0.58 -1.97
N GLN A 120 -12.96 0.45 -1.96
CA GLN A 120 -12.89 1.97 -2.48
CA GLN A 120 -13.21 1.70 -2.68
C GLN A 120 -13.86 2.87 -1.68
C GLN A 120 -13.87 2.76 -1.78
N ASN A 121 -14.96 2.33 -1.15
CA ASN A 121 -15.82 3.17 -0.35
C ASN A 121 -15.69 2.93 1.16
N PHE A 122 -14.79 2.05 1.58
CA PHE A 122 -14.64 1.73 3.03
C PHE A 122 -14.10 2.94 3.82
N VAL A 123 -13.17 3.71 3.26
CA VAL A 123 -12.57 4.78 4.09
C VAL A 123 -13.61 5.80 4.54
N PRO A 124 -14.48 6.25 3.61
CA PRO A 124 -15.52 7.21 4.00
C PRO A 124 -16.57 6.56 4.89
N ALA A 125 -16.86 5.29 4.67
CA ALA A 125 -17.78 4.59 5.56
C ALA A 125 -17.24 4.53 6.98
N ILE A 126 -15.93 4.26 7.10
CA ILE A 126 -15.26 4.16 8.40
C ILE A 126 -15.30 5.55 9.04
N GLN A 127 -14.84 6.53 8.28
CA GLN A 127 -14.77 7.87 8.77
C GLN A 127 -16.12 8.42 9.23
N HIS A 128 -17.17 8.18 8.45
CA HIS A 128 -18.50 8.66 8.82
C HIS A 128 -18.95 8.06 10.13
N GLU A 129 -18.69 6.76 10.31
CA GLU A 129 -19.04 6.10 11.55
C GLU A 129 -18.22 6.54 12.80
N VAL A 130 -16.91 6.75 12.63
CA VAL A 130 -16.09 7.26 13.70
C VAL A 130 -16.62 8.62 14.17
N ARG A 131 -16.93 9.50 13.22
CA ARG A 131 -17.38 10.84 13.53
C ARG A 131 -18.72 10.82 14.20
N LYS A 132 -19.57 9.91 13.80
CA LYS A 132 -20.84 9.73 14.47
C LYS A 132 -20.59 9.34 15.91
N PHE A 133 -19.61 8.45 16.13
CA PHE A 133 -19.35 7.98 17.45
C PHE A 133 -18.85 9.11 18.35
N MET A 134 -17.90 9.86 17.84
CA MET A 134 -17.29 10.91 18.60
C MET A 134 -18.33 12.02 18.95
N ALA A 135 -19.13 12.38 17.97
CA ALA A 135 -20.23 13.33 18.16
C ALA A 135 -21.27 12.85 19.18
N GLU A 136 -21.56 11.57 19.20
CA GLU A 136 -22.48 11.03 20.18
C GLU A 136 -21.82 10.97 21.53
N ASN A 137 -20.54 10.58 21.60
CA ASN A 137 -19.94 10.12 22.87
C ASN A 137 -18.84 10.99 23.44
N TRP A 138 -18.22 11.81 22.61
CA TRP A 138 -17.15 12.68 23.05
C TRP A 138 -17.60 14.12 22.86
N LYS A 139 -18.66 14.46 23.55
CA LYS A 139 -19.51 15.60 23.26
C LYS A 139 -18.96 16.92 23.69
N GLU A 140 -18.37 16.98 24.87
N GLU A 140 -18.36 16.93 24.86
CA GLU A 140 -18.06 18.28 25.45
CA GLU A 140 -18.02 18.19 25.53
C GLU A 140 -16.70 18.76 24.96
C GLU A 140 -16.64 18.67 25.08
N ASP A 141 -16.19 19.82 25.57
CA ASP A 141 -14.84 20.27 25.24
C ASP A 141 -13.76 19.36 25.78
N GLU A 142 -14.10 18.67 26.86
CA GLU A 142 -13.20 17.65 27.41
C GLU A 142 -14.01 16.65 28.21
N GLY A 143 -13.53 15.42 28.30
CA GLY A 143 -14.21 14.41 29.07
C GLY A 143 -13.35 13.17 29.23
N VAL A 144 -13.69 12.35 30.22
CA VAL A 144 -12.96 11.14 30.53
C VAL A 144 -13.69 9.94 29.89
N ILE A 145 -12.91 9.09 29.20
CA ILE A 145 -13.47 7.92 28.53
C ILE A 145 -12.64 6.68 28.83
N ASN A 146 -13.24 5.51 28.70
CA ASN A 146 -12.41 4.29 28.70
C ASN A 146 -11.99 4.01 27.25
N LEU A 147 -10.71 4.15 26.93
CA LEU A 147 -10.42 4.07 25.50
C LEU A 147 -10.58 2.68 24.86
N LEU A 148 -10.30 1.65 25.65
CA LEU A 148 -10.36 0.29 25.18
C LEU A 148 -11.81 -0.02 24.85
N GLU A 149 -12.76 0.46 25.64
CA GLU A 149 -14.18 0.26 25.37
C GLU A 149 -14.65 1.01 24.15
N ASP A 150 -14.25 2.28 24.07
CA ASP A 150 -14.71 3.07 22.95
C ASP A 150 -14.09 2.60 21.63
N CYS A 151 -12.80 2.31 21.62
CA CYS A 151 -12.18 1.75 20.40
C CYS A 151 -12.92 0.50 19.94
N GLY A 152 -13.27 -0.36 20.90
CA GLY A 152 -14.09 -1.55 20.65
C GLY A 152 -15.41 -1.25 19.98
N ALA A 153 -16.10 -0.23 20.49
CA ALA A 153 -17.37 0.14 19.88
C ALA A 153 -17.15 0.67 18.42
N MET A 154 -16.09 1.47 18.18
CA MET A 154 -15.77 1.98 16.87
C MET A 154 -15.36 0.91 15.88
N ILE A 155 -14.65 -0.09 16.34
CA ILE A 155 -14.24 -1.23 15.49
C ILE A 155 -15.48 -2.02 14.99
N ILE A 156 -16.41 -2.36 15.86
CA ILE A 156 -17.58 -3.12 15.43
C ILE A 156 -18.51 -2.26 14.53
N ASN A 157 -18.75 -1.00 14.94
CA ASN A 157 -19.56 -0.07 14.17
C ASN A 157 -18.98 0.17 12.83
N THR A 158 -17.70 0.51 12.75
CA THR A 158 -17.04 0.65 11.42
C THR A 158 -17.05 -0.58 10.54
N ALA A 159 -16.79 -1.76 11.13
CA ALA A 159 -16.73 -2.97 10.29
C ALA A 159 -18.13 -3.26 9.69
N CYS A 160 -19.17 -3.10 10.49
CA CYS A 160 -20.54 -3.29 10.01
C CYS A 160 -20.90 -2.33 8.89
N GLN A 161 -20.45 -1.08 9.01
CA GLN A 161 -20.74 -0.05 8.01
C GLN A 161 -20.04 -0.39 6.71
N CYS A 162 -18.86 -1.02 6.80
CA CYS A 162 -18.12 -1.38 5.62
C CYS A 162 -18.66 -2.63 4.96
N LEU A 163 -19.01 -3.65 5.76
CA LEU A 163 -19.19 -5.01 5.24
C LEU A 163 -20.64 -5.45 5.00
N PHE A 164 -21.59 -4.75 5.60
CA PHE A 164 -22.99 -5.16 5.51
C PHE A 164 -23.83 -4.08 4.86
N GLY A 165 -24.58 -4.47 3.86
CA GLY A 165 -25.56 -3.61 3.22
C GLY A 165 -26.62 -3.12 4.20
N GLU A 166 -27.27 -2.03 3.82
CA GLU A 166 -28.27 -1.37 4.66
C GLU A 166 -29.42 -2.30 4.98
N ASP A 167 -29.85 -3.10 4.02
CA ASP A 167 -30.92 -4.07 4.36
C ASP A 167 -30.54 -5.00 5.53
N LEU A 168 -29.26 -5.42 5.57
CA LEU A 168 -28.76 -6.35 6.62
C LEU A 168 -28.79 -5.60 7.90
N ARG A 169 -28.32 -4.35 7.90
CA ARG A 169 -28.09 -3.57 9.11
C ARG A 169 -29.45 -3.13 9.71
N LYS A 170 -30.50 -3.02 8.89
CA LYS A 170 -31.88 -2.83 9.42
C LYS A 170 -32.39 -4.02 10.20
N ARG A 171 -31.97 -5.24 9.87
CA ARG A 171 -32.35 -6.39 10.66
C ARG A 171 -31.40 -6.74 11.83
N LEU A 172 -30.16 -6.23 11.76
CA LEU A 172 -29.05 -6.67 12.59
C LEU A 172 -28.03 -5.52 12.74
N ASN A 173 -28.32 -4.63 13.66
CA ASN A 173 -27.43 -3.51 13.90
C ASN A 173 -26.18 -3.93 14.66
N ALA A 174 -25.24 -3.03 14.69
CA ALA A 174 -23.96 -3.29 15.35
C ALA A 174 -24.08 -3.76 16.81
N ARG A 175 -24.98 -3.16 17.61
N ARG A 175 -24.98 -3.16 17.61
CA ARG A 175 -25.17 -3.59 19.00
CA ARG A 175 -25.17 -3.59 18.98
C ARG A 175 -25.72 -5.01 19.10
C ARG A 175 -25.71 -5.01 19.09
N HIS A 176 -26.74 -5.32 18.30
CA HIS A 176 -27.28 -6.63 18.22
C HIS A 176 -26.20 -7.64 17.73
N PHE A 177 -25.37 -7.26 16.77
CA PHE A 177 -24.29 -8.17 16.31
C PHE A 177 -23.30 -8.40 17.48
N ALA A 178 -22.92 -7.34 18.16
CA ALA A 178 -22.03 -7.40 19.28
C ALA A 178 -22.51 -8.40 20.33
N GLN A 179 -23.82 -8.34 20.64
CA GLN A 179 -24.41 -9.26 21.60
C GLN A 179 -24.35 -10.69 21.10
N LEU A 180 -24.63 -10.94 19.81
CA LEU A 180 -24.52 -12.30 19.27
C LEU A 180 -23.09 -12.81 19.37
N LEU A 181 -22.11 -11.99 19.04
CA LEU A 181 -20.71 -12.44 19.07
C LEU A 181 -20.28 -12.71 20.51
N SER A 182 -20.75 -11.86 21.42
CA SER A 182 -20.41 -12.04 22.86
C SER A 182 -20.95 -13.35 23.41
N LYS A 183 -22.15 -13.76 23.02
CA LYS A 183 -22.68 -15.01 23.48
C LYS A 183 -21.91 -16.19 22.89
N MET A 184 -21.53 -16.12 21.63
CA MET A 184 -20.71 -17.18 21.07
C MET A 184 -19.36 -17.28 21.78
N GLU A 185 -18.75 -16.14 22.02
CA GLU A 185 -17.42 -16.10 22.60
C GLU A 185 -17.35 -16.54 24.07
N SER A 186 -18.32 -16.15 24.88
CA SER A 186 -18.26 -16.36 26.29
C SER A 186 -18.46 -17.84 26.59
N SER A 187 -18.97 -18.61 25.67
CA SER A 187 -19.08 -20.07 25.75
C SER A 187 -17.71 -20.80 25.62
N LEU A 188 -16.69 -20.12 25.14
CA LEU A 188 -15.43 -20.81 24.83
C LEU A 188 -14.52 -20.98 26.02
N ILE A 189 -13.78 -22.08 26.06
CA ILE A 189 -12.84 -22.38 27.12
C ILE A 189 -11.49 -22.43 26.40
N PRO A 190 -10.75 -21.32 26.44
CA PRO A 190 -9.52 -21.28 25.69
C PRO A 190 -8.54 -22.43 26.01
N ALA A 191 -8.40 -22.81 27.27
CA ALA A 191 -7.51 -23.85 27.63
C ALA A 191 -7.87 -25.21 27.16
N ALA A 192 -9.11 -25.40 26.70
CA ALA A 192 -9.54 -26.69 26.20
C ALA A 192 -8.82 -27.02 24.88
N VAL A 193 -8.15 -26.03 24.30
CA VAL A 193 -7.17 -26.34 23.22
C VAL A 193 -6.13 -27.37 23.65
N PHE A 194 -5.69 -27.29 24.91
CA PHE A 194 -4.70 -28.20 25.49
C PHE A 194 -5.31 -29.25 26.38
N MET A 195 -6.47 -28.97 27.00
CA MET A 195 -7.12 -29.86 27.95
C MET A 195 -8.59 -30.00 27.63
N PRO A 196 -8.94 -30.89 26.65
CA PRO A 196 -10.32 -30.96 26.19
C PRO A 196 -11.25 -31.41 27.29
N TRP A 197 -10.75 -32.16 28.24
CA TRP A 197 -11.60 -32.54 29.34
C TRP A 197 -12.29 -31.36 30.10
N LEU A 198 -11.77 -30.13 29.99
CA LEU A 198 -12.37 -28.98 30.69
C LEU A 198 -13.84 -28.78 30.24
N LEU A 199 -14.20 -29.22 29.04
CA LEU A 199 -15.56 -29.13 28.53
C LEU A 199 -16.55 -29.92 29.39
N ARG A 200 -16.06 -30.84 30.21
CA ARG A 200 -16.93 -31.58 31.10
C ARG A 200 -17.31 -30.84 32.39
N LEU A 201 -16.67 -29.69 32.70
CA LEU A 201 -16.98 -29.01 33.95
C LEU A 201 -18.24 -28.22 33.88
N PRO A 202 -18.93 -28.11 35.00
CA PRO A 202 -20.16 -27.38 34.97
C PRO A 202 -19.96 -25.88 34.80
N LEU A 203 -20.89 -25.27 34.12
CA LEU A 203 -20.91 -23.81 33.85
C LEU A 203 -21.76 -23.03 34.84
N PRO A 204 -21.46 -21.72 35.02
CA PRO A 204 -22.26 -20.93 35.94
C PRO A 204 -23.67 -20.63 35.45
N GLN A 205 -23.84 -20.61 34.13
CA GLN A 205 -25.13 -20.49 33.47
C GLN A 205 -25.04 -21.19 32.10
N SER A 206 -26.19 -21.46 31.53
CA SER A 206 -26.22 -22.12 30.23
C SER A 206 -25.58 -21.26 29.20
N ALA A 207 -24.82 -21.93 28.36
CA ALA A 207 -24.27 -21.32 27.16
C ALA A 207 -25.36 -20.97 26.15
N ARG A 208 -25.05 -19.96 25.38
CA ARG A 208 -25.96 -19.47 24.36
C ARG A 208 -25.34 -19.37 22.97
N CYS A 209 -24.24 -20.10 22.78
CA CYS A 209 -23.53 -20.06 21.54
C CYS A 209 -24.45 -20.61 20.43
N ARG A 210 -24.96 -21.82 20.59
N ARG A 210 -25.05 -21.77 20.63
CA ARG A 210 -25.77 -22.43 19.52
CA ARG A 210 -25.94 -22.35 19.63
C ARG A 210 -27.00 -21.60 19.15
C ARG A 210 -27.17 -21.46 19.28
N GLU A 211 -27.71 -21.04 20.14
N GLU A 211 -27.93 -21.01 20.29
CA GLU A 211 -28.85 -20.16 19.88
CA GLU A 211 -28.98 -20.01 20.05
C GLU A 211 -28.47 -18.85 19.18
C GLU A 211 -28.47 -18.85 19.19
N ALA A 212 -27.36 -18.24 19.61
CA ALA A 212 -26.94 -17.02 18.99
C ALA A 212 -26.57 -17.25 17.50
N ARG A 213 -25.83 -18.32 17.20
CA ARG A 213 -25.46 -18.60 15.82
C ARG A 213 -26.72 -18.92 15.01
N ALA A 214 -27.65 -19.71 15.57
CA ALA A 214 -28.88 -20.01 14.87
C ALA A 214 -29.64 -18.70 14.54
N GLU A 215 -29.75 -17.80 15.47
CA GLU A 215 -30.40 -16.54 15.19
C GLU A 215 -29.73 -15.73 14.07
N LEU A 216 -28.39 -15.66 14.08
CA LEU A 216 -27.65 -14.99 13.01
C LEU A 216 -27.97 -15.64 11.64
N GLN A 217 -27.98 -16.96 11.60
CA GLN A 217 -28.13 -17.62 10.33
C GLN A 217 -29.56 -17.46 9.77
N LYS A 218 -30.51 -17.44 10.71
CA LYS A 218 -31.88 -17.21 10.37
C LYS A 218 -32.09 -15.79 9.81
N ILE A 219 -31.56 -14.75 10.45
CA ILE A 219 -31.54 -13.38 9.90
C ILE A 219 -30.93 -13.36 8.50
N LEU A 220 -29.79 -14.00 8.32
CA LEU A 220 -29.16 -13.95 7.02
C LEU A 220 -30.04 -14.64 5.93
N GLY A 221 -30.59 -15.83 6.24
CA GLY A 221 -31.58 -16.53 5.40
C GLY A 221 -32.70 -15.61 4.93
N GLU A 222 -33.32 -14.93 5.89
CA GLU A 222 -34.36 -13.95 5.61
C GLU A 222 -33.87 -12.80 4.74
N ILE A 223 -32.68 -12.25 5.00
CA ILE A 223 -32.16 -11.21 4.10
C ILE A 223 -31.99 -11.75 2.65
N ILE A 224 -31.51 -12.95 2.52
CA ILE A 224 -31.27 -13.55 1.22
C ILE A 224 -32.56 -13.71 0.42
N VAL A 225 -33.53 -14.37 1.04
CA VAL A 225 -34.90 -14.48 0.48
C VAL A 225 -35.38 -13.13 -0.04
N ALA A 226 -35.36 -12.07 0.79
CA ALA A 226 -35.74 -10.72 0.37
C ALA A 226 -34.96 -10.15 -0.82
N ARG A 227 -33.64 -10.29 -0.82
CA ARG A 227 -32.83 -9.79 -1.92
C ARG A 227 -33.15 -10.48 -3.23
N GLU A 228 -33.35 -11.79 -3.13
CA GLU A 228 -33.76 -12.63 -4.26
C GLU A 228 -35.06 -12.15 -4.84
N LYS A 229 -35.97 -11.71 -3.97
CA LYS A 229 -37.28 -11.21 -4.39
C LYS A 229 -37.15 -9.89 -5.14
N GLU A 230 -36.47 -8.87 -4.59
CA GLU A 230 -36.31 -7.54 -5.25
C GLU A 230 -35.53 -7.53 -6.62
N GLU A 231 -34.84 -8.64 -6.94
CA GLU A 231 -34.42 -8.99 -8.33
C GLU A 231 -33.19 -9.90 -8.29
N THR A 238 -26.24 -7.17 -3.29
CA THR A 238 -25.37 -7.77 -4.31
C THR A 238 -23.81 -7.68 -4.03
N SER A 239 -23.32 -6.57 -3.48
CA SER A 239 -21.87 -6.41 -3.39
C SER A 239 -21.33 -6.13 -1.96
N ASP A 240 -22.13 -6.35 -0.93
CA ASP A 240 -21.56 -6.37 0.46
C ASP A 240 -20.86 -7.71 0.70
N LEU A 241 -20.40 -7.98 1.91
CA LEU A 241 -19.72 -9.24 2.17
C LEU A 241 -20.63 -10.47 1.90
N LEU A 242 -21.81 -10.43 2.50
CA LEU A 242 -22.85 -11.43 2.29
C LEU A 242 -23.02 -11.65 0.77
N GLY A 243 -23.22 -10.59 0.00
CA GLY A 243 -23.50 -10.73 -1.44
C GLY A 243 -22.33 -11.34 -2.21
N GLY A 244 -21.10 -11.01 -1.82
CA GLY A 244 -19.99 -11.62 -2.41
C GLY A 244 -19.85 -13.08 -2.09
N LEU A 245 -20.06 -13.46 -0.83
CA LEU A 245 -19.95 -14.89 -0.50
C LEU A 245 -21.05 -15.73 -1.16
N LEU A 246 -22.18 -15.15 -1.45
CA LEU A 246 -23.24 -15.84 -2.17
C LEU A 246 -22.94 -16.17 -3.62
N LYS A 247 -21.86 -15.62 -4.18
CA LYS A 247 -21.42 -15.99 -5.51
C LYS A 247 -20.32 -16.96 -5.51
N ALA A 248 -19.91 -17.41 -4.33
CA ALA A 248 -18.86 -18.35 -4.24
C ALA A 248 -19.26 -19.72 -4.75
N VAL A 249 -18.46 -20.27 -5.67
CA VAL A 249 -18.74 -21.61 -6.15
C VAL A 249 -17.51 -22.42 -6.03
N TYR A 250 -17.59 -23.53 -5.34
CA TYR A 250 -16.44 -24.37 -5.23
C TYR A 250 -16.02 -25.02 -6.55
N ARG A 251 -14.83 -25.58 -6.56
CA ARG A 251 -14.35 -26.34 -7.72
C ARG A 251 -15.23 -27.51 -8.09
N ASP A 252 -15.90 -28.13 -7.13
CA ASP A 252 -16.86 -29.20 -7.46
C ASP A 252 -18.13 -28.76 -8.08
N GLY A 253 -18.28 -27.46 -8.35
CA GLY A 253 -19.47 -26.88 -8.99
C GLY A 253 -20.61 -26.56 -8.05
N THR A 254 -20.35 -26.61 -6.74
CA THR A 254 -21.41 -26.35 -5.75
C THR A 254 -21.24 -24.98 -5.10
N ARG A 255 -22.38 -24.41 -4.72
CA ARG A 255 -22.47 -23.09 -4.13
C ARG A 255 -22.17 -23.17 -2.63
N MET A 256 -21.47 -22.18 -2.14
CA MET A 256 -21.27 -22.05 -0.69
C MET A 256 -22.64 -22.05 -0.05
N SER A 257 -22.88 -22.87 0.97
CA SER A 257 -24.26 -22.96 1.58
C SER A 257 -24.53 -21.82 2.53
N LEU A 258 -25.79 -21.60 2.89
CA LEU A 258 -26.14 -20.66 3.90
C LEU A 258 -25.41 -20.93 5.21
N HIS A 259 -25.31 -22.20 5.64
CA HIS A 259 -24.59 -22.53 6.85
C HIS A 259 -23.10 -22.03 6.80
N GLU A 260 -22.45 -22.18 5.64
CA GLU A 260 -21.06 -21.83 5.42
C GLU A 260 -20.83 -20.35 5.29
N VAL A 261 -21.73 -19.70 4.58
CA VAL A 261 -21.71 -18.27 4.49
C VAL A 261 -21.86 -17.64 5.88
N CYS A 262 -22.81 -18.12 6.63
CA CYS A 262 -22.97 -17.61 7.99
C CYS A 262 -21.64 -17.77 8.78
N GLY A 263 -21.03 -18.92 8.66
CA GLY A 263 -19.79 -19.20 9.36
C GLY A 263 -18.64 -18.32 9.01
N MET A 264 -18.45 -18.02 7.73
CA MET A 264 -17.39 -17.11 7.26
C MET A 264 -17.65 -15.70 7.72
N ILE A 265 -18.91 -15.33 7.76
CA ILE A 265 -19.27 -14.03 8.30
C ILE A 265 -18.96 -13.92 9.81
N VAL A 266 -19.32 -14.94 10.59
CA VAL A 266 -18.90 -14.99 12.00
C VAL A 266 -17.39 -14.93 12.12
N ALA A 267 -16.65 -15.70 11.32
CA ALA A 267 -15.21 -15.65 11.37
C ALA A 267 -14.67 -14.31 11.15
N ALA A 268 -15.18 -13.62 10.16
CA ALA A 268 -14.72 -12.30 9.86
C ALA A 268 -14.91 -11.29 11.00
N MET A 269 -16.09 -11.28 11.60
CA MET A 269 -16.40 -10.33 12.65
C MET A 269 -15.73 -10.75 13.90
N PHE A 270 -15.72 -12.08 14.15
CA PHE A 270 -15.13 -12.57 15.38
C PHE A 270 -13.61 -12.24 15.41
N ALA A 271 -12.93 -12.42 14.26
CA ALA A 271 -11.49 -12.35 14.22
C ALA A 271 -10.99 -10.93 14.53
N GLY A 272 -11.68 -9.96 13.98
CA GLY A 272 -11.35 -8.57 14.14
C GLY A 272 -11.73 -7.94 15.45
N GLN A 273 -12.77 -8.42 16.14
CA GLN A 273 -13.44 -7.63 17.21
C GLN A 273 -12.47 -7.27 18.36
N HIS A 274 -11.65 -8.21 18.81
CA HIS A 274 -10.68 -7.91 19.87
C HIS A 274 -9.28 -7.54 19.32
N THR A 275 -8.79 -8.24 18.32
CA THR A 275 -7.48 -7.92 17.80
C THR A 275 -7.37 -6.45 17.27
N SER A 276 -8.33 -6.02 16.47
CA SER A 276 -8.26 -4.65 15.91
C SER A 276 -8.46 -3.57 16.97
N THR A 277 -9.43 -3.81 17.85
CA THR A 277 -9.67 -2.96 18.99
C THR A 277 -8.43 -2.71 19.81
N ILE A 278 -7.77 -3.80 20.17
CA ILE A 278 -6.59 -3.72 20.97
C ILE A 278 -5.41 -3.02 20.27
N THR A 279 -5.27 -3.26 18.98
CA THR A 279 -4.21 -2.66 18.18
C THR A 279 -4.44 -1.11 18.08
N THR A 280 -5.69 -0.71 17.93
CA THR A 280 -6.10 0.69 17.91
C THR A 280 -5.77 1.32 19.23
N SER A 281 -6.19 0.65 20.29
CA SER A 281 -6.03 1.18 21.64
C SER A 281 -4.58 1.32 22.00
N TRP A 282 -3.78 0.29 21.81
CA TRP A 282 -2.36 0.44 22.08
C TRP A 282 -1.69 1.58 21.32
N SER A 283 -1.94 1.66 20.03
CA SER A 283 -1.43 2.67 19.20
C SER A 283 -1.68 4.09 19.75
N MET A 284 -2.91 4.35 20.12
CA MET A 284 -3.34 5.64 20.74
C MET A 284 -2.71 5.82 22.06
N LEU A 285 -2.63 4.75 22.89
CA LEU A 285 -1.96 4.84 24.18
C LEU A 285 -0.47 5.20 24.08
N HIS A 286 0.30 4.60 23.17
CA HIS A 286 1.69 5.04 23.02
C HIS A 286 1.74 6.51 22.46
N LEU A 287 0.99 6.78 21.43
CA LEU A 287 1.10 8.05 20.74
C LEU A 287 0.78 9.21 21.66
N MET A 288 -0.16 9.03 22.58
CA MET A 288 -0.51 10.08 23.49
C MET A 288 0.38 10.17 24.70
N HIS A 289 1.26 9.19 24.93
CA HIS A 289 2.13 9.29 26.13
C HIS A 289 3.17 10.39 25.96
N PRO A 290 3.39 11.22 27.01
CA PRO A 290 4.31 12.38 26.93
C PRO A 290 5.65 12.04 26.35
N LYS A 291 6.25 10.92 26.75
CA LYS A 291 7.57 10.56 26.20
C LYS A 291 7.57 10.32 24.69
N ASN A 292 6.40 10.13 24.07
CA ASN A 292 6.34 9.81 22.65
C ASN A 292 5.93 11.00 21.83
N LYS A 293 6.11 12.19 22.41
CA LYS A 293 5.73 13.44 21.74
C LYS A 293 6.31 13.52 20.34
N LYS A 294 7.59 13.22 20.20
CA LYS A 294 8.20 13.20 18.87
C LYS A 294 7.43 12.36 17.83
N TRP A 295 6.89 11.22 18.26
CA TRP A 295 6.10 10.36 17.36
C TRP A 295 4.72 10.94 17.04
N LEU A 296 4.05 11.45 18.07
CA LEU A 296 2.77 12.14 17.79
C LEU A 296 3.02 13.32 16.85
N ASP A 297 4.08 14.11 17.05
CA ASP A 297 4.36 15.24 16.11
C ASP A 297 4.54 14.69 14.70
N LYS A 298 5.16 13.55 14.57
CA LYS A 298 5.43 12.98 13.25
C LYS A 298 4.13 12.45 12.60
N LEU A 299 3.25 11.91 13.44
CA LEU A 299 1.90 11.58 13.03
C LEU A 299 1.17 12.82 12.49
N HIS A 300 1.25 13.93 13.22
CA HIS A 300 0.59 15.17 12.74
C HIS A 300 1.15 15.68 11.45
N LYS A 301 2.47 15.68 11.30
N LYS A 301 2.47 15.67 11.34
CA LYS A 301 3.07 16.05 10.01
CA LYS A 301 3.15 16.01 10.09
C LYS A 301 2.46 15.24 8.89
C LYS A 301 2.59 15.22 8.90
N GLU A 302 2.29 13.93 9.10
CA GLU A 302 1.75 13.12 8.04
C GLU A 302 0.30 13.36 7.73
N ILE A 303 -0.50 13.62 8.76
CA ILE A 303 -1.95 13.72 8.51
C ILE A 303 -2.45 15.18 8.44
N ASP A 304 -1.63 16.15 8.79
CA ASP A 304 -2.15 17.52 9.00
C ASP A 304 -2.52 18.15 7.67
N GLU A 305 -2.01 17.65 6.56
CA GLU A 305 -2.41 18.20 5.26
C GLU A 305 -3.60 17.48 4.59
N PHE A 306 -4.15 16.47 5.25
CA PHE A 306 -5.28 15.75 4.71
C PHE A 306 -6.56 16.57 4.66
N PRO A 307 -7.35 16.38 3.61
CA PRO A 307 -8.72 16.90 3.63
C PRO A 307 -9.54 16.36 4.78
N ALA A 308 -10.63 17.04 5.10
CA ALA A 308 -11.57 16.56 6.10
C ALA A 308 -12.17 15.19 5.75
N GLN A 309 -12.38 14.96 4.47
CA GLN A 309 -12.97 13.70 3.95
C GLN A 309 -11.88 12.87 3.34
N LEU A 310 -11.33 11.98 4.15
CA LEU A 310 -10.28 11.10 3.62
C LEU A 310 -10.76 10.15 2.55
N ASN A 311 -9.82 9.73 1.69
CA ASN A 311 -10.11 8.71 0.71
C ASN A 311 -9.10 7.59 0.76
N TYR A 312 -9.37 6.56 -0.04
CA TYR A 312 -8.49 5.40 -0.21
C TYR A 312 -6.99 5.73 -0.32
N ASP A 313 -6.62 6.70 -1.14
CA ASP A 313 -5.19 7.01 -1.31
C ASP A 313 -4.51 7.57 -0.10
N ASN A 314 -5.24 8.35 0.66
CA ASN A 314 -4.67 8.96 1.83
C ASN A 314 -4.34 7.85 2.81
N VAL A 315 -5.28 6.94 3.04
CA VAL A 315 -5.00 5.90 4.06
C VAL A 315 -4.06 4.82 3.52
N MET A 316 -4.29 4.35 2.31
CA MET A 316 -3.45 3.28 1.75
C MET A 316 -2.04 3.75 1.40
N ASP A 317 -1.89 4.94 0.82
CA ASP A 317 -0.53 5.34 0.30
C ASP A 317 0.21 6.40 1.08
N GLU A 318 -0.50 7.20 1.88
CA GLU A 318 0.05 8.41 2.43
C GLU A 318 0.06 8.36 3.94
N MET A 319 0.00 7.13 4.50
CA MET A 319 0.17 7.01 5.92
C MET A 319 1.24 5.95 6.29
N PRO A 320 2.46 6.03 5.71
CA PRO A 320 3.46 5.02 6.09
C PRO A 320 3.89 5.10 7.58
N PHE A 321 4.04 6.30 8.15
CA PHE A 321 4.45 6.42 9.56
C PHE A 321 3.39 5.83 10.50
N ALA A 322 2.15 6.15 10.22
CA ALA A 322 1.06 5.62 11.04
C ALA A 322 0.98 4.09 10.95
N GLU A 323 1.26 3.56 9.79
CA GLU A 323 1.36 2.09 9.66
C GLU A 323 2.43 1.51 10.55
N ARG A 324 3.60 2.15 10.58
CA ARG A 324 4.71 1.75 11.45
C ARG A 324 4.30 1.84 12.93
N CYS A 325 3.52 2.88 13.31
CA CYS A 325 3.02 2.96 14.64
C CYS A 325 2.17 1.73 14.96
N VAL A 326 1.29 1.36 14.06
CA VAL A 326 0.36 0.25 14.27
C VAL A 326 1.14 -1.08 14.33
N ARG A 327 2.04 -1.29 13.37
N ARG A 327 2.05 -1.29 13.38
CA ARG A 327 2.83 -2.51 13.34
CA ARG A 327 2.85 -2.52 13.36
C ARG A 327 3.72 -2.63 14.56
C ARG A 327 3.69 -2.63 14.58
N GLU A 328 4.32 -1.54 15.03
CA GLU A 328 5.11 -1.62 16.25
C GLU A 328 4.30 -1.88 17.52
N SER A 329 3.07 -1.42 17.59
CA SER A 329 2.20 -1.74 18.71
C SER A 329 1.89 -3.28 18.80
N ILE A 330 1.66 -3.87 17.65
CA ILE A 330 1.55 -5.36 17.50
C ILE A 330 2.84 -6.08 17.77
N ARG A 331 3.96 -5.47 17.34
CA ARG A 331 5.25 -6.13 17.58
C ARG A 331 5.46 -6.22 19.10
N ARG A 332 5.32 -5.09 19.79
CA ARG A 332 5.56 -5.04 21.22
C ARG A 332 4.61 -5.86 22.07
N ASP A 333 3.31 -5.72 21.76
CA ASP A 333 2.28 -6.38 22.49
C ASP A 333 1.29 -7.07 21.55
N PRO A 334 1.67 -8.23 21.03
CA PRO A 334 0.85 -8.93 20.04
C PRO A 334 -0.45 -9.39 20.71
N PRO A 335 -1.59 -9.15 20.11
CA PRO A 335 -2.84 -9.64 20.72
C PRO A 335 -2.97 -11.17 20.81
N LEU A 336 -2.42 -11.85 19.84
CA LEU A 336 -2.43 -13.31 19.86
C LEU A 336 -1.05 -13.72 20.19
N LEU A 337 -0.88 -14.28 21.40
CA LEU A 337 0.47 -14.54 21.93
C LEU A 337 1.11 -15.79 21.33
N MET A 338 0.27 -16.68 20.77
CA MET A 338 0.77 -17.91 20.23
C MET A 338 -0.16 -18.50 19.17
N VAL A 339 0.47 -19.07 18.16
CA VAL A 339 -0.27 -19.89 17.19
C VAL A 339 0.25 -21.32 17.23
N MET A 340 -0.67 -22.22 17.01
CA MET A 340 -0.50 -23.60 17.38
C MET A 340 -0.86 -24.55 16.21
N ARG A 341 -0.29 -25.77 16.21
CA ARG A 341 -0.64 -26.82 15.29
C ARG A 341 -0.50 -28.12 16.10
N MET A 342 -1.34 -29.14 15.80
CA MET A 342 -1.13 -30.48 16.22
C MET A 342 -0.08 -31.14 15.28
N VAL A 343 0.92 -31.73 15.89
CA VAL A 343 1.92 -32.45 15.11
C VAL A 343 1.38 -33.86 14.71
N LYS A 344 1.07 -34.08 13.43
CA LYS A 344 0.56 -35.37 12.94
C LYS A 344 1.69 -36.32 12.53
N ALA A 345 2.85 -35.77 12.15
CA ALA A 345 4.03 -36.52 11.77
C ALA A 345 5.16 -35.65 12.19
N GLU A 346 6.22 -36.27 12.69
CA GLU A 346 7.34 -35.52 13.26
C GLU A 346 8.04 -34.55 12.33
N VAL A 347 8.48 -33.42 12.90
CA VAL A 347 9.14 -32.42 12.15
C VAL A 347 10.49 -32.15 12.74
N LYS A 348 11.47 -31.93 11.88
CA LYS A 348 12.77 -31.52 12.27
C LYS A 348 12.74 -30.03 12.42
N VAL A 349 13.25 -29.55 13.55
CA VAL A 349 13.42 -28.13 13.78
C VAL A 349 14.80 -27.85 14.37
N GLY A 350 15.68 -27.33 13.54
CA GLY A 350 17.09 -27.18 13.93
C GLY A 350 17.71 -28.53 14.21
N SER A 351 18.29 -28.70 15.36
CA SER A 351 18.89 -29.99 15.68
C SER A 351 17.90 -30.92 16.40
N TYR A 352 16.66 -30.49 16.53
CA TYR A 352 15.70 -31.27 17.24
C TYR A 352 14.68 -31.89 16.29
N VAL A 353 14.02 -32.85 16.85
CA VAL A 353 12.84 -33.43 16.22
C VAL A 353 11.66 -33.25 17.15
N VAL A 354 10.58 -32.73 16.62
CA VAL A 354 9.36 -32.50 17.41
C VAL A 354 8.42 -33.66 17.10
N PRO A 355 8.03 -34.44 18.12
CA PRO A 355 7.34 -35.70 17.84
C PRO A 355 5.83 -35.57 17.65
N LYS A 356 5.30 -36.54 16.90
CA LYS A 356 3.89 -36.77 16.79
C LYS A 356 3.13 -36.64 18.10
N GLY A 357 2.04 -35.91 18.09
CA GLY A 357 1.26 -35.74 19.33
C GLY A 357 1.54 -34.48 20.14
N ASP A 358 2.70 -33.85 19.94
CA ASP A 358 2.94 -32.53 20.55
C ASP A 358 2.05 -31.51 19.91
N ILE A 359 1.70 -30.48 20.66
CA ILE A 359 1.29 -29.25 20.04
C ILE A 359 2.57 -28.51 19.80
N ILE A 360 2.69 -27.97 18.61
CA ILE A 360 3.81 -27.13 18.29
C ILE A 360 3.28 -25.73 18.14
N ALA A 361 4.10 -24.79 18.56
CA ALA A 361 3.67 -23.39 18.55
C ALA A 361 4.79 -22.48 18.23
N CYS A 362 4.42 -21.36 17.62
CA CYS A 362 5.25 -20.24 17.40
C CYS A 362 4.60 -19.09 18.14
N SER A 363 5.40 -18.32 18.89
CA SER A 363 4.84 -17.30 19.78
C SER A 363 5.25 -15.92 19.31
N PRO A 364 4.31 -15.18 18.73
CA PRO A 364 4.60 -13.78 18.48
C PRO A 364 5.10 -13.06 19.73
N LEU A 365 4.49 -13.31 20.88
CA LEU A 365 5.02 -12.71 22.12
C LEU A 365 6.51 -13.02 22.35
N LEU A 366 6.88 -14.29 22.33
CA LEU A 366 8.28 -14.67 22.47
C LEU A 366 9.22 -14.18 21.40
N SER A 367 8.87 -14.43 20.15
CA SER A 367 9.73 -14.06 19.10
C SER A 367 9.91 -12.55 18.96
N HIS A 368 8.87 -11.78 19.30
CA HIS A 368 8.98 -10.34 19.26
C HIS A 368 9.81 -9.76 20.40
N HIS A 369 10.18 -10.60 21.38
CA HIS A 369 11.12 -10.19 22.40
C HIS A 369 12.53 -10.79 22.26
N ASP A 370 12.81 -11.40 21.11
CA ASP A 370 14.10 -11.95 20.86
C ASP A 370 15.12 -10.78 20.83
N GLU A 371 16.17 -10.86 21.62
CA GLU A 371 17.15 -9.73 21.69
C GLU A 371 17.91 -9.46 20.38
N GLU A 372 18.17 -10.49 19.57
CA GLU A 372 18.78 -10.31 18.27
C GLU A 372 17.83 -9.62 17.30
N ALA A 373 16.61 -10.13 17.16
CA ALA A 373 15.67 -9.59 16.19
C ALA A 373 15.10 -8.19 16.58
N PHE A 374 14.96 -7.96 17.86
CA PHE A 374 14.28 -6.73 18.34
C PHE A 374 14.99 -6.18 19.59
N PRO A 375 16.18 -5.63 19.41
CA PRO A 375 16.88 -5.14 20.60
C PRO A 375 15.98 -4.15 21.42
N ASN A 376 16.15 -4.13 22.73
CA ASN A 376 15.33 -3.29 23.63
C ASN A 376 13.86 -3.51 23.29
N PRO A 377 13.39 -4.80 23.43
CA PRO A 377 12.05 -5.05 22.90
C PRO A 377 10.91 -4.44 23.68
N ARG A 378 11.06 -4.04 24.94
CA ARG A 378 9.95 -3.36 25.61
C ARG A 378 9.88 -1.88 25.18
N LEU A 379 10.87 -1.40 24.44
CA LEU A 379 10.74 -0.03 23.87
C LEU A 379 9.84 -0.03 22.65
N TRP A 380 8.81 0.85 22.68
CA TRP A 380 8.00 1.17 21.50
C TRP A 380 8.73 2.14 20.59
N ASP A 381 9.23 1.64 19.43
CA ASP A 381 10.02 2.41 18.48
C ASP A 381 9.48 2.17 17.10
N PRO A 382 8.59 3.04 16.64
CA PRO A 382 7.95 2.86 15.35
C PRO A 382 8.90 2.82 14.17
N GLU A 383 10.08 3.36 14.37
CA GLU A 383 11.12 3.36 13.36
C GLU A 383 12.03 2.11 13.38
N ARG A 384 11.87 1.21 14.34
CA ARG A 384 12.68 0.02 14.32
C ARG A 384 12.32 -0.82 13.07
N ASP A 385 13.26 -1.64 12.65
CA ASP A 385 13.00 -2.80 11.79
C ASP A 385 13.52 -4.08 12.45
N GLU A 386 12.90 -5.20 12.10
CA GLU A 386 13.33 -6.55 12.59
C GLU A 386 14.74 -6.72 12.08
N LYS A 387 15.58 -7.32 12.89
CA LYS A 387 16.96 -7.49 12.49
C LYS A 387 17.23 -8.94 12.10
N VAL A 388 16.20 -9.78 12.18
CA VAL A 388 16.21 -11.13 11.65
C VAL A 388 15.00 -11.19 10.77
N ASP A 389 15.20 -11.50 9.50
CA ASP A 389 14.10 -11.62 8.56
C ASP A 389 13.07 -12.65 8.96
N GLY A 390 11.82 -12.23 8.80
CA GLY A 390 10.66 -12.96 9.28
C GLY A 390 10.39 -13.06 10.80
N ALA A 391 11.12 -12.32 11.63
CA ALA A 391 10.93 -12.40 13.05
C ALA A 391 9.56 -11.87 13.53
N PHE A 392 9.05 -10.84 12.86
CA PHE A 392 7.75 -10.31 13.12
C PHE A 392 6.72 -11.29 12.54
N ILE A 393 5.86 -11.76 13.38
CA ILE A 393 4.86 -12.77 13.05
C ILE A 393 3.52 -12.37 13.72
N GLY A 394 3.28 -11.06 13.91
CA GLY A 394 2.05 -10.57 14.49
C GLY A 394 0.80 -10.98 13.75
N PHE A 395 0.93 -11.11 12.43
CA PHE A 395 -0.14 -11.59 11.56
C PHE A 395 0.19 -12.96 10.93
N GLY A 396 0.98 -13.77 11.62
CA GLY A 396 1.43 -15.05 11.09
C GLY A 396 2.25 -14.95 9.77
N ALA A 397 2.30 -16.05 9.02
CA ALA A 397 3.15 -16.21 7.86
C ALA A 397 2.77 -17.49 7.13
N GLY A 398 3.19 -17.57 5.87
CA GLY A 398 2.88 -18.68 4.95
C GLY A 398 1.44 -18.76 4.55
N VAL A 399 1.00 -19.96 4.23
CA VAL A 399 -0.38 -20.13 3.74
C VAL A 399 -1.49 -19.81 4.73
N HIS A 400 -1.22 -19.93 6.05
CA HIS A 400 -2.19 -19.51 7.07
C HIS A 400 -2.04 -18.05 7.54
N LYS A 401 -1.27 -17.26 6.84
CA LYS A 401 -1.10 -15.86 7.21
C LYS A 401 -2.45 -15.11 7.26
N CYS A 402 -2.50 -14.03 8.03
CA CYS A 402 -3.76 -13.33 8.27
C CYS A 402 -4.36 -12.81 6.95
N ILE A 403 -5.61 -13.17 6.71
CA ILE A 403 -6.35 -12.61 5.56
C ILE A 403 -7.06 -11.30 5.86
N GLY A 404 -7.11 -10.93 7.12
CA GLY A 404 -7.84 -9.71 7.54
C GLY A 404 -6.93 -8.52 7.79
N GLN A 405 -5.68 -8.73 7.53
CA GLN A 405 -4.61 -7.83 7.93
C GLN A 405 -4.72 -6.45 7.23
N LYS A 406 -4.96 -6.44 5.93
CA LYS A 406 -5.14 -5.19 5.16
C LYS A 406 -6.40 -4.41 5.63
N PHE A 407 -7.46 -5.13 5.87
CA PHE A 407 -8.68 -4.51 6.31
C PHE A 407 -8.51 -3.98 7.67
N ALA A 408 -7.94 -4.78 8.56
CA ALA A 408 -7.68 -4.30 9.92
C ALA A 408 -6.81 -3.03 9.91
N LEU A 409 -5.70 -3.03 9.18
CA LEU A 409 -4.85 -1.86 9.17
C LEU A 409 -5.57 -0.60 8.55
N LEU A 410 -6.38 -0.82 7.55
CA LEU A 410 -7.18 0.25 6.95
C LEU A 410 -8.10 0.87 8.04
N GLN A 411 -8.70 0.02 8.90
CA GLN A 411 -9.59 0.48 9.98
C GLN A 411 -8.81 1.27 11.01
N VAL A 412 -7.84 0.61 11.60
CA VAL A 412 -7.02 1.28 12.59
C VAL A 412 -6.47 2.65 12.07
N LYS A 413 -5.86 2.71 10.87
CA LYS A 413 -5.25 3.94 10.39
C LYS A 413 -6.29 5.02 10.15
N THR A 414 -7.50 4.64 9.78
CA THR A 414 -8.54 5.58 9.52
C THR A 414 -9.03 6.16 10.84
N ILE A 415 -9.19 5.31 11.85
CA ILE A 415 -9.51 5.72 13.18
C ILE A 415 -8.45 6.70 13.73
N LEU A 416 -7.18 6.36 13.55
CA LEU A 416 -6.17 7.22 14.06
C LEU A 416 -6.14 8.58 13.45
N ALA A 417 -6.31 8.62 12.13
CA ALA A 417 -6.23 9.89 11.40
C ALA A 417 -7.40 10.80 11.72
N THR A 418 -8.55 10.21 11.95
CA THR A 418 -9.74 10.88 12.34
C THR A 418 -9.68 11.34 13.80
N ALA A 419 -9.34 10.45 14.72
CA ALA A 419 -9.38 10.82 16.14
C ALA A 419 -8.36 11.91 16.46
N PHE A 420 -7.10 11.72 16.05
CA PHE A 420 -6.06 12.69 16.37
C PHE A 420 -6.18 14.00 15.60
N ARG A 421 -6.96 14.01 14.54
CA ARG A 421 -7.27 15.28 13.86
C ARG A 421 -8.16 16.17 14.74
N GLU A 422 -9.18 15.60 15.38
CA GLU A 422 -10.24 16.38 16.07
C GLU A 422 -9.98 16.57 17.58
N TYR A 423 -9.16 15.70 18.19
CA TYR A 423 -8.91 15.64 19.62
C TYR A 423 -7.46 15.48 19.99
N ASP A 424 -7.12 15.96 21.19
CA ASP A 424 -5.89 15.61 21.89
C ASP A 424 -6.29 14.60 22.98
N PHE A 425 -5.33 13.77 23.41
CA PHE A 425 -5.62 12.79 24.42
C PHE A 425 -4.58 12.84 25.44
N GLN A 426 -5.01 12.61 26.67
CA GLN A 426 -4.07 12.45 27.75
C GLN A 426 -4.42 11.21 28.62
N LEU A 427 -3.44 10.37 28.76
CA LEU A 427 -3.56 9.21 29.63
C LEU A 427 -3.70 9.61 31.10
N LEU A 428 -4.63 9.04 31.85
CA LEU A 428 -4.77 9.42 33.24
C LEU A 428 -3.98 8.55 34.18
N ARG A 429 -2.77 8.20 33.81
CA ARG A 429 -1.90 7.50 34.71
C ARG A 429 -0.53 7.81 34.16
N ASP A 430 0.52 7.46 34.87
CA ASP A 430 1.88 7.86 34.51
C ASP A 430 2.46 7.10 33.35
N GLU A 431 1.97 5.89 33.10
CA GLU A 431 2.61 4.93 32.20
C GLU A 431 1.55 4.28 31.31
N VAL A 432 1.92 3.97 30.08
CA VAL A 432 1.07 3.12 29.19
C VAL A 432 0.66 1.87 30.01
N PRO A 433 -0.58 1.35 29.85
CA PRO A 433 -1.03 0.17 30.58
C PRO A 433 -0.12 -1.02 30.51
N ASP A 434 -0.12 -1.84 31.57
CA ASP A 434 0.35 -3.21 31.51
C ASP A 434 -0.58 -4.04 30.61
N PRO A 435 -0.01 -4.93 29.82
CA PRO A 435 -0.83 -6.01 29.18
C PRO A 435 -1.51 -6.89 30.18
N ASP A 436 -2.78 -7.27 29.94
CA ASP A 436 -3.48 -8.22 30.77
C ASP A 436 -3.48 -9.57 30.05
N TYR A 437 -2.68 -10.48 30.57
CA TYR A 437 -2.43 -11.80 29.87
C TYR A 437 -3.48 -12.85 30.25
N HIS A 438 -4.49 -12.38 30.94
CA HIS A 438 -5.54 -13.26 31.43
C HIS A 438 -6.68 -13.50 30.44
N THR A 439 -6.72 -12.80 29.30
CA THR A 439 -7.70 -13.11 28.28
C THR A 439 -7.03 -13.69 27.05
N MET A 440 -7.79 -14.51 26.30
CA MET A 440 -7.23 -15.21 25.18
C MET A 440 -6.75 -14.29 24.08
N VAL A 441 -7.47 -13.15 23.89
CA VAL A 441 -6.90 -12.11 23.07
C VAL A 441 -6.34 -11.06 24.07
N VAL A 442 -5.06 -10.77 23.97
CA VAL A 442 -4.39 -9.96 24.96
C VAL A 442 -4.34 -8.49 24.58
N GLY A 443 -4.82 -7.66 25.48
CA GLY A 443 -4.80 -6.22 25.33
C GLY A 443 -4.36 -5.47 26.58
N PRO A 444 -4.41 -4.14 26.51
CA PRO A 444 -4.06 -3.37 27.70
C PRO A 444 -5.10 -3.64 28.80
N THR A 445 -4.65 -3.65 30.05
CA THR A 445 -5.48 -3.80 31.18
C THR A 445 -6.59 -2.76 31.21
N LEU A 446 -7.83 -3.21 31.20
CA LEU A 446 -8.96 -2.38 30.95
C LEU A 446 -9.11 -1.17 31.88
N ASN A 447 -8.94 -1.36 33.19
CA ASN A 447 -9.13 -0.25 34.16
C ASN A 447 -7.94 0.67 34.17
N GLN A 448 -6.94 0.35 33.34
CA GLN A 448 -5.84 1.26 33.16
C GLN A 448 -5.99 2.19 31.93
N CYS A 449 -7.05 2.05 31.17
CA CYS A 449 -7.19 2.71 29.89
C CYS A 449 -8.10 3.96 29.97
N LEU A 450 -8.22 4.55 31.15
CA LEU A 450 -8.89 5.89 31.26
C LEU A 450 -8.06 6.99 30.66
N VAL A 451 -8.68 7.76 29.79
CA VAL A 451 -8.07 8.82 29.08
C VAL A 451 -8.99 10.08 29.07
N LYS A 452 -8.38 11.24 29.00
CA LYS A 452 -9.07 12.53 28.91
C LYS A 452 -8.96 13.02 27.50
N TYR A 453 -10.07 13.17 26.81
CA TYR A 453 -10.02 13.82 25.52
C TYR A 453 -10.18 15.33 25.69
N THR A 454 -9.64 16.08 24.74
CA THR A 454 -9.82 17.53 24.66
C THR A 454 -10.01 17.85 23.17
N ARG A 455 -11.20 18.36 22.79
N ARG A 455 -11.20 18.37 22.80
CA ARG A 455 -11.50 18.78 21.41
CA ARG A 455 -11.47 18.81 21.43
C ARG A 455 -10.58 19.92 21.05
C ARG A 455 -10.49 19.90 21.10
N LYS A 456 -9.91 19.84 19.91
CA LYS A 456 -8.91 20.85 19.51
C LYS A 456 -9.62 22.08 18.97
N LYS A 457 -9.01 23.25 19.15
CA LYS A 457 -9.56 24.53 18.62
C LYS A 457 -9.49 24.51 17.06
N LYS A 458 -10.66 24.45 16.41
CA LYS A 458 -10.80 24.19 14.94
C LYS A 458 -10.76 25.44 14.06
N THR B 10 27.25 -15.30 -2.54
CA THR B 10 26.73 -14.08 -1.85
C THR B 10 26.37 -12.94 -2.88
N ASP B 11 27.18 -12.69 -3.91
CA ASP B 11 26.85 -11.77 -5.03
C ASP B 11 25.70 -12.39 -5.82
N PRO B 12 24.75 -11.57 -6.39
CA PRO B 12 23.74 -12.09 -7.29
C PRO B 12 24.38 -12.75 -8.55
N PRO B 13 23.66 -13.66 -9.25
CA PRO B 13 24.21 -14.22 -10.44
C PRO B 13 24.33 -13.14 -11.49
N VAL B 14 25.36 -13.24 -12.36
CA VAL B 14 25.58 -12.31 -13.45
C VAL B 14 25.17 -13.03 -14.71
N TYR B 15 24.41 -12.36 -15.57
CA TYR B 15 24.07 -12.97 -16.83
C TYR B 15 25.35 -13.17 -17.67
N PRO B 16 25.45 -14.29 -18.41
CA PRO B 16 26.69 -14.46 -19.22
C PRO B 16 26.94 -13.37 -20.30
N VAL B 17 28.19 -13.00 -20.50
CA VAL B 17 28.44 -11.99 -21.50
C VAL B 17 29.15 -12.55 -22.69
N THR B 18 28.79 -11.99 -23.84
CA THR B 18 29.42 -12.33 -25.13
C THR B 18 30.59 -11.42 -25.55
N VAL B 19 30.51 -10.11 -25.36
CA VAL B 19 31.62 -9.22 -25.69
C VAL B 19 31.88 -8.39 -24.46
N PRO B 20 33.05 -8.55 -23.82
CA PRO B 20 33.08 -7.86 -22.49
C PRO B 20 32.93 -6.34 -22.55
N PHE B 21 33.38 -5.73 -23.62
CA PHE B 21 33.34 -4.28 -23.61
C PHE B 21 31.91 -3.71 -23.57
N LEU B 22 31.00 -4.40 -24.23
CA LEU B 22 29.65 -3.97 -24.29
C LEU B 22 28.83 -4.48 -23.16
N GLY B 23 29.15 -5.67 -22.61
CA GLY B 23 28.21 -6.26 -21.67
C GLY B 23 26.91 -6.60 -22.38
N HIS B 24 25.79 -6.27 -21.77
CA HIS B 24 24.48 -6.61 -22.29
C HIS B 24 23.75 -5.45 -23.05
N ILE B 25 24.49 -4.49 -23.55
CA ILE B 25 23.87 -3.36 -24.28
C ILE B 25 22.99 -3.83 -25.44
N VAL B 26 23.46 -4.77 -26.23
CA VAL B 26 22.70 -5.17 -27.40
C VAL B 26 21.35 -5.79 -27.03
N GLN B 27 21.32 -6.72 -26.11
CA GLN B 27 20.01 -7.30 -25.75
C GLN B 27 19.15 -6.43 -24.86
N PHE B 28 19.78 -5.78 -23.87
CA PHE B 28 19.03 -4.97 -22.99
C PHE B 28 18.50 -3.75 -23.79
N GLY B 29 19.31 -3.23 -24.70
CA GLY B 29 18.81 -2.19 -25.63
C GLY B 29 17.63 -2.55 -26.52
N LYS B 30 17.73 -3.72 -27.12
CA LYS B 30 16.77 -4.25 -28.07
C LYS B 30 15.36 -4.46 -27.47
N ASN B 31 15.30 -5.21 -26.39
CA ASN B 31 14.07 -5.49 -25.72
C ASN B 31 14.30 -5.75 -24.25
N PRO B 32 14.19 -4.67 -23.44
CA PRO B 32 14.59 -4.81 -22.06
C PRO B 32 13.67 -5.69 -21.34
N LEU B 33 12.41 -5.75 -21.72
CA LEU B 33 11.50 -6.63 -20.97
C LEU B 33 11.87 -8.14 -21.18
N GLU B 34 11.93 -8.56 -22.41
CA GLU B 34 12.31 -9.94 -22.76
C GLU B 34 13.68 -10.30 -22.22
N PHE B 35 14.60 -9.41 -22.33
CA PHE B 35 15.93 -9.72 -21.83
C PHE B 35 15.93 -9.90 -20.30
N MET B 36 15.31 -8.99 -19.55
CA MET B 36 15.26 -9.21 -18.09
C MET B 36 14.44 -10.43 -17.75
N GLN B 37 13.37 -10.67 -18.49
CA GLN B 37 12.58 -11.91 -18.25
C GLN B 37 13.47 -13.14 -18.46
N ARG B 38 14.30 -13.09 -19.49
CA ARG B 38 15.22 -14.18 -19.77
C ARG B 38 16.29 -14.29 -18.69
N CYS B 39 16.84 -13.16 -18.23
CA CYS B 39 17.77 -13.30 -17.12
C CYS B 39 17.11 -13.95 -15.95
N LYS B 40 15.92 -13.51 -15.57
CA LYS B 40 15.28 -13.99 -14.38
C LYS B 40 14.96 -15.49 -14.48
N ARG B 41 14.49 -15.93 -15.65
CA ARG B 41 14.20 -17.35 -15.89
C ARG B 41 15.48 -18.17 -15.93
N ASP B 42 16.40 -17.83 -16.83
CA ASP B 42 17.64 -18.62 -16.98
C ASP B 42 18.47 -18.66 -15.76
N LEU B 43 18.55 -17.57 -14.96
CA LEU B 43 19.42 -17.62 -13.77
C LEU B 43 18.64 -18.15 -12.59
N LYS B 44 17.35 -18.45 -12.74
CA LYS B 44 16.53 -18.89 -11.59
C LYS B 44 16.61 -17.95 -10.38
N SER B 45 16.53 -16.65 -10.63
CA SER B 45 16.70 -15.64 -9.58
C SER B 45 16.02 -14.33 -10.02
N GLY B 46 15.14 -13.82 -9.16
CA GLY B 46 14.57 -12.52 -9.37
C GLY B 46 15.58 -11.38 -9.15
N VAL B 47 16.66 -11.64 -8.44
CA VAL B 47 17.72 -10.68 -8.27
C VAL B 47 18.95 -11.12 -9.03
N PHE B 48 19.45 -10.27 -9.93
CA PHE B 48 20.53 -10.66 -10.84
C PHE B 48 21.27 -9.43 -11.32
N THR B 49 22.42 -9.64 -11.92
CA THR B 49 23.23 -8.52 -12.35
C THR B 49 23.48 -8.61 -13.86
N ILE B 50 23.41 -7.44 -14.52
CA ILE B 50 23.79 -7.28 -15.95
C ILE B 50 24.93 -6.26 -16.01
N SER B 51 25.62 -6.25 -17.16
CA SER B 51 26.61 -5.24 -17.49
C SER B 51 26.12 -4.28 -18.56
N ILE B 52 26.27 -2.99 -18.28
CA ILE B 52 26.07 -2.00 -19.32
C ILE B 52 27.39 -1.35 -19.54
N GLY B 53 28.07 -1.80 -20.61
CA GLY B 53 29.43 -1.40 -20.89
C GLY B 53 30.45 -1.55 -19.83
N GLY B 54 30.34 -2.58 -18.97
CA GLY B 54 31.30 -2.75 -17.89
C GLY B 54 30.78 -2.41 -16.51
N GLN B 55 29.88 -1.44 -16.41
CA GLN B 55 29.16 -1.10 -15.18
C GLN B 55 28.14 -2.17 -14.79
N ARG B 56 28.37 -2.74 -13.61
CA ARG B 56 27.46 -3.64 -13.03
C ARG B 56 26.18 -2.98 -12.64
N VAL B 57 25.07 -3.62 -13.02
CA VAL B 57 23.75 -3.12 -12.68
C VAL B 57 22.99 -4.32 -12.14
N THR B 58 22.67 -4.26 -10.83
CA THR B 58 21.94 -5.27 -10.14
C THR B 58 20.48 -4.89 -10.16
N ILE B 59 19.66 -5.78 -10.72
CA ILE B 59 18.23 -5.63 -10.77
C ILE B 59 17.48 -6.42 -9.74
N VAL B 60 16.68 -5.70 -8.97
CA VAL B 60 15.87 -6.31 -7.93
C VAL B 60 14.57 -6.62 -8.61
N GLY B 61 14.46 -7.82 -9.20
CA GLY B 61 13.32 -8.15 -10.10
C GLY B 61 12.32 -9.04 -9.45
N ASP B 62 12.43 -9.18 -8.13
CA ASP B 62 11.48 -9.93 -7.36
C ASP B 62 10.68 -8.93 -6.53
N PRO B 63 9.38 -8.87 -6.79
CA PRO B 63 8.58 -7.84 -6.18
C PRO B 63 8.47 -8.01 -4.68
N HIS B 64 8.77 -9.21 -4.15
CA HIS B 64 8.79 -9.41 -2.72
C HIS B 64 9.93 -8.68 -2.07
N GLU B 65 10.89 -8.21 -2.88
CA GLU B 65 12.07 -7.59 -2.34
C GLU B 65 12.10 -6.10 -2.62
N HIS B 66 11.02 -5.55 -3.13
CA HIS B 66 10.94 -4.12 -3.40
C HIS B 66 11.38 -3.24 -2.21
N SER B 67 11.02 -3.61 -1.01
CA SER B 67 11.26 -2.67 0.08
C SER B 67 12.72 -2.53 0.35
N ARG B 68 13.50 -3.54 -0.04
CA ARG B 68 14.97 -3.47 0.06
C ARG B 68 15.62 -2.45 -0.84
N PHE B 69 14.97 -2.10 -1.92
CA PHE B 69 15.44 -1.02 -2.73
C PHE B 69 14.87 0.35 -2.28
N PHE B 70 13.58 0.41 -2.01
CA PHE B 70 12.92 1.70 -1.83
C PHE B 70 12.98 2.26 -0.43
N SER B 71 13.31 1.44 0.58
CA SER B 71 13.48 1.86 2.02
C SER B 71 14.82 2.44 2.49
N PRO B 72 15.99 1.88 2.11
CA PRO B 72 17.18 2.51 2.67
C PRO B 72 17.38 3.99 2.43
N ARG B 73 18.06 4.60 3.41
CA ARG B 73 18.49 5.99 3.39
C ARG B 73 19.44 6.29 2.20
N ASN B 74 19.38 7.53 1.71
CA ASN B 74 20.36 8.03 0.73
C ASN B 74 21.82 7.69 0.94
N GLU B 75 22.24 7.52 2.19
CA GLU B 75 23.68 7.30 2.44
C GLU B 75 24.09 5.88 2.08
N ILE B 76 23.13 4.97 2.01
CA ILE B 76 23.35 3.63 1.54
C ILE B 76 22.99 3.54 0.05
N LEU B 77 21.73 3.81 -0.33
CA LEU B 77 21.28 3.87 -1.79
C LEU B 77 21.01 5.32 -2.24
N SER B 78 21.92 5.88 -3.00
CA SER B 78 21.96 7.27 -3.36
C SER B 78 21.51 7.52 -4.84
N PRO B 79 20.45 8.30 -5.07
CA PRO B 79 20.09 8.61 -6.50
C PRO B 79 20.95 9.63 -7.18
N ARG B 80 21.65 10.43 -6.40
CA ARG B 80 22.31 11.58 -6.93
C ARG B 80 23.31 11.20 -8.00
N GLU B 81 24.11 10.20 -7.78
CA GLU B 81 25.11 9.97 -8.81
C GLU B 81 24.59 9.24 -10.06
N VAL B 82 23.36 8.77 -10.08
CA VAL B 82 22.79 8.27 -11.31
C VAL B 82 22.36 9.43 -12.23
N TYR B 83 22.00 10.57 -11.64
CA TYR B 83 21.46 11.69 -12.41
C TYR B 83 22.39 12.87 -12.61
N THR B 84 23.70 12.66 -12.59
CA THR B 84 24.64 13.69 -12.82
C THR B 84 24.33 14.41 -14.17
N ILE B 85 23.78 13.69 -15.16
CA ILE B 85 23.48 14.35 -16.41
C ILE B 85 22.40 15.45 -16.37
N MET B 86 21.55 15.45 -15.37
CA MET B 86 20.56 16.48 -15.20
C MET B 86 21.09 17.82 -14.74
N THR B 87 22.36 17.91 -14.39
CA THR B 87 22.88 19.17 -13.78
C THR B 87 22.72 20.39 -14.67
N PRO B 88 23.11 20.29 -15.92
CA PRO B 88 22.88 21.44 -16.82
C PRO B 88 21.45 21.80 -17.07
N VAL B 89 20.55 20.84 -16.86
CA VAL B 89 19.16 21.09 -17.07
C VAL B 89 18.50 21.80 -15.86
N PHE B 90 18.61 21.18 -14.69
CA PHE B 90 18.03 21.73 -13.46
C PHE B 90 18.86 22.89 -12.92
N GLY B 91 20.17 22.84 -13.15
CA GLY B 91 21.17 23.89 -12.78
C GLY B 91 22.00 23.46 -11.61
N GLU B 92 23.15 24.07 -11.51
N GLU B 92 23.20 24.00 -11.51
CA GLU B 92 24.03 23.86 -10.40
CA GLU B 92 24.06 23.66 -10.36
C GLU B 92 23.32 24.16 -9.08
C GLU B 92 23.34 24.11 -9.10
N GLY B 93 23.46 23.29 -8.06
CA GLY B 93 22.91 23.55 -6.74
C GLY B 93 21.44 23.27 -6.63
N VAL B 94 20.89 22.61 -7.65
CA VAL B 94 19.46 22.37 -7.69
C VAL B 94 19.22 20.86 -7.80
N ALA B 95 18.14 20.38 -7.17
CA ALA B 95 17.71 18.99 -7.12
C ALA B 95 18.93 18.16 -6.80
N TYR B 96 19.34 17.25 -7.70
CA TYR B 96 20.36 16.25 -7.36
C TYR B 96 21.75 16.87 -7.21
N ALA B 97 21.96 18.05 -7.78
CA ALA B 97 23.20 18.78 -7.55
C ALA B 97 23.22 19.63 -6.23
N ALA B 98 22.17 19.59 -5.45
CA ALA B 98 22.15 20.30 -4.16
C ALA B 98 22.49 19.31 -3.05
N PRO B 99 23.05 19.82 -1.92
CA PRO B 99 23.25 18.91 -0.85
C PRO B 99 21.95 18.28 -0.52
N TYR B 100 21.97 17.04 -0.04
CA TYR B 100 20.77 16.26 0.15
C TYR B 100 19.67 16.92 0.95
N PRO B 101 19.96 17.46 2.16
CA PRO B 101 18.84 18.10 2.87
C PRO B 101 18.19 19.30 2.12
N ARG B 102 19.01 20.04 1.41
CA ARG B 102 18.56 21.14 0.60
C ARG B 102 17.70 20.63 -0.58
N MET B 103 18.17 19.56 -1.24
CA MET B 103 17.40 18.86 -2.26
C MET B 103 16.05 18.54 -1.76
N ARG B 104 15.95 17.98 -0.56
CA ARG B 104 14.65 17.59 0.00
C ARG B 104 13.83 18.78 0.33
N GLU B 105 14.45 19.90 0.77
CA GLU B 105 13.65 21.13 0.96
C GLU B 105 13.03 21.66 -0.38
N GLN B 106 13.85 21.70 -1.42
CA GLN B 106 13.45 22.18 -2.73
C GLN B 106 12.27 21.39 -3.27
N LEU B 107 12.37 20.06 -3.14
CA LEU B 107 11.37 19.14 -3.64
C LEU B 107 10.12 19.20 -2.79
N ASN B 108 10.22 19.40 -1.49
N ASN B 108 10.22 19.39 -1.48
CA ASN B 108 9.03 19.61 -0.68
CA ASN B 108 9.02 19.56 -0.67
C ASN B 108 8.30 20.90 -1.10
C ASN B 108 8.30 20.91 -1.04
N PHE B 109 9.06 21.95 -1.41
CA PHE B 109 8.45 23.25 -1.84
C PHE B 109 7.71 23.05 -3.17
N LEU B 110 8.30 22.26 -4.07
CA LEU B 110 7.61 21.97 -5.33
C LEU B 110 6.39 21.09 -5.04
N ALA B 111 6.55 20.10 -4.20
CA ALA B 111 5.41 19.22 -3.87
C ALA B 111 4.23 20.02 -3.34
N GLU B 112 4.50 21.01 -2.50
CA GLU B 112 3.44 21.83 -1.92
C GLU B 112 2.80 22.72 -2.92
N GLU B 113 3.39 22.91 -4.10
CA GLU B 113 2.64 23.66 -5.11
C GLU B 113 1.72 22.73 -5.94
N LEU B 114 1.88 21.41 -5.82
CA LEU B 114 1.18 20.45 -6.68
C LEU B 114 0.26 19.53 -5.90
N THR B 115 -0.17 19.95 -4.71
CA THR B 115 -1.02 19.11 -3.88
C THR B 115 -2.42 19.43 -4.29
N ILE B 116 -3.32 18.54 -3.87
CA ILE B 116 -4.79 18.69 -4.06
C ILE B 116 -5.37 20.04 -3.54
N ALA B 117 -4.73 20.64 -2.55
CA ALA B 117 -5.23 21.86 -1.98
C ALA B 117 -5.25 22.88 -3.11
N LYS B 118 -4.23 22.85 -3.99
CA LYS B 118 -4.11 23.84 -5.08
C LYS B 118 -4.91 23.53 -6.39
N PHE B 119 -5.73 22.47 -6.43
CA PHE B 119 -6.34 21.92 -7.64
C PHE B 119 -7.74 22.44 -7.93
N GLN B 120 -8.21 23.41 -7.16
CA GLN B 120 -9.62 23.80 -7.19
C GLN B 120 -9.86 24.35 -8.59
N ASN B 121 -8.91 25.14 -9.07
N ASN B 121 -8.92 25.15 -9.07
CA ASN B 121 -9.05 25.80 -10.34
CA ASN B 121 -9.07 25.79 -10.38
C ASN B 121 -8.44 25.01 -11.54
C ASN B 121 -8.49 24.97 -11.55
N PHE B 122 -7.70 23.96 -11.26
CA PHE B 122 -7.08 23.14 -12.29
C PHE B 122 -8.06 22.41 -13.22
N VAL B 123 -9.15 21.81 -12.70
CA VAL B 123 -10.03 21.06 -13.60
C VAL B 123 -10.57 21.93 -14.72
N PRO B 124 -11.13 23.10 -14.34
CA PRO B 124 -11.69 23.91 -15.41
C PRO B 124 -10.62 24.39 -16.38
N ALA B 125 -9.46 24.79 -15.84
CA ALA B 125 -8.29 25.18 -16.66
C ALA B 125 -7.89 24.05 -17.62
N ILE B 126 -7.85 22.82 -17.13
CA ILE B 126 -7.52 21.70 -17.99
C ILE B 126 -8.57 21.52 -19.11
N GLN B 127 -9.84 21.33 -18.76
CA GLN B 127 -10.89 21.17 -19.79
C GLN B 127 -10.91 22.31 -20.78
N HIS B 128 -10.74 23.53 -20.28
CA HIS B 128 -10.61 24.67 -21.18
C HIS B 128 -9.67 24.44 -22.31
N GLU B 129 -8.41 24.14 -22.00
CA GLU B 129 -7.38 23.93 -23.03
C GLU B 129 -7.64 22.69 -23.86
N VAL B 130 -8.27 21.67 -23.29
CA VAL B 130 -8.55 20.46 -24.10
C VAL B 130 -9.62 20.82 -25.14
N ARG B 131 -10.67 21.53 -24.70
CA ARG B 131 -11.74 21.96 -25.65
C ARG B 131 -11.16 22.89 -26.72
N LYS B 132 -10.29 23.79 -26.31
CA LYS B 132 -9.69 24.67 -27.25
C LYS B 132 -8.78 23.88 -28.23
N PHE B 133 -8.05 22.89 -27.73
CA PHE B 133 -7.25 22.05 -28.67
C PHE B 133 -8.13 21.31 -29.68
N MET B 134 -9.16 20.67 -29.17
CA MET B 134 -10.08 19.88 -29.97
C MET B 134 -10.77 20.78 -30.99
N ALA B 135 -11.28 21.93 -30.57
CA ALA B 135 -11.91 22.86 -31.53
C ALA B 135 -10.96 23.40 -32.59
N GLU B 136 -9.70 23.61 -32.25
CA GLU B 136 -8.71 24.13 -33.19
C GLU B 136 -8.13 23.05 -34.11
N ASN B 137 -8.13 21.80 -33.69
CA ASN B 137 -7.34 20.77 -34.44
C ASN B 137 -8.20 19.61 -34.87
N TRP B 138 -9.27 19.31 -34.16
CA TRP B 138 -10.16 18.29 -34.62
C TRP B 138 -11.49 18.90 -35.16
N LYS B 139 -11.37 19.59 -36.30
CA LYS B 139 -12.34 20.61 -36.81
C LYS B 139 -13.42 20.05 -37.70
N GLU B 140 -13.39 18.75 -37.98
CA GLU B 140 -14.36 18.18 -38.91
C GLU B 140 -15.26 17.22 -38.20
N ASP B 141 -16.17 16.62 -38.95
CA ASP B 141 -17.01 15.58 -38.39
C ASP B 141 -16.18 14.35 -38.06
N GLU B 142 -15.12 14.18 -38.83
CA GLU B 142 -14.20 13.06 -38.72
C GLU B 142 -12.82 13.42 -39.35
N GLY B 143 -11.76 12.73 -38.92
CA GLY B 143 -10.41 13.08 -39.33
C GLY B 143 -9.39 12.16 -38.71
N VAL B 144 -8.15 12.22 -39.22
CA VAL B 144 -7.10 11.35 -38.75
C VAL B 144 -6.09 12.20 -38.03
N ILE B 145 -5.67 11.72 -36.88
CA ILE B 145 -4.65 12.39 -36.09
C ILE B 145 -3.62 11.40 -35.57
N ASN B 146 -2.43 11.92 -35.24
CA ASN B 146 -1.49 11.16 -34.46
C ASN B 146 -1.80 11.36 -32.97
N LEU B 147 -2.24 10.31 -32.32
CA LEU B 147 -2.78 10.49 -30.97
C LEU B 147 -1.67 10.91 -29.98
N LEU B 148 -0.49 10.37 -30.19
CA LEU B 148 0.65 10.66 -29.30
C LEU B 148 1.10 12.09 -29.42
N GLU B 149 1.22 12.62 -30.64
CA GLU B 149 1.49 14.04 -30.87
C GLU B 149 0.44 14.94 -30.28
N ASP B 150 -0.81 14.61 -30.46
CA ASP B 150 -1.89 15.46 -29.99
C ASP B 150 -2.00 15.43 -28.47
N CYS B 151 -1.90 14.24 -27.87
CA CYS B 151 -1.79 14.17 -26.42
C CYS B 151 -0.65 14.94 -25.83
N GLY B 152 0.52 14.91 -26.45
CA GLY B 152 1.67 15.73 -26.04
C GLY B 152 1.36 17.22 -26.01
N ALA B 153 0.74 17.69 -27.08
CA ALA B 153 0.31 19.07 -27.13
C ALA B 153 -0.74 19.37 -26.03
N MET B 154 -1.68 18.49 -25.76
CA MET B 154 -2.66 18.79 -24.76
C MET B 154 -2.04 18.81 -23.36
N ILE B 155 -1.09 17.91 -23.10
CA ILE B 155 -0.40 17.81 -21.81
C ILE B 155 0.43 19.07 -21.52
N ILE B 156 1.25 19.53 -22.46
CA ILE B 156 1.95 20.77 -22.23
C ILE B 156 1.02 22.04 -22.13
N ASN B 157 0.00 22.15 -23.00
CA ASN B 157 -0.97 23.26 -22.91
C ASN B 157 -1.80 23.21 -21.62
N THR B 158 -2.28 22.06 -21.18
CA THR B 158 -3.00 22.03 -19.95
C THR B 158 -2.13 22.35 -18.78
N ALA B 159 -0.91 21.83 -18.75
CA ALA B 159 0.01 22.17 -17.62
C ALA B 159 0.32 23.66 -17.49
N CYS B 160 0.60 24.30 -18.60
CA CYS B 160 0.89 25.74 -18.59
C CYS B 160 -0.30 26.57 -18.08
N GLN B 161 -1.51 26.16 -18.40
CA GLN B 161 -2.74 26.89 -17.99
C GLN B 161 -2.94 26.74 -16.54
N CYS B 162 -2.66 25.55 -16.03
CA CYS B 162 -2.73 25.28 -14.62
C CYS B 162 -1.68 26.03 -13.84
N LEU B 163 -0.42 26.02 -14.29
CA LEU B 163 0.72 26.37 -13.42
C LEU B 163 1.33 27.80 -13.62
N PHE B 164 1.17 28.39 -14.80
CA PHE B 164 1.71 29.71 -15.12
C PHE B 164 0.57 30.75 -15.17
N GLY B 165 0.81 31.91 -14.63
CA GLY B 165 -0.22 32.96 -14.58
C GLY B 165 -0.27 33.56 -15.97
N GLU B 166 -1.30 34.34 -16.23
CA GLU B 166 -1.48 34.96 -17.52
C GLU B 166 -0.31 35.83 -17.93
N ASP B 167 0.24 36.62 -17.03
CA ASP B 167 1.40 37.47 -17.41
C ASP B 167 2.53 36.60 -18.01
N LEU B 168 2.80 35.47 -17.38
CA LEU B 168 3.86 34.54 -17.80
C LEU B 168 3.50 33.93 -19.16
N ARG B 169 2.27 33.45 -19.32
CA ARG B 169 1.87 32.85 -20.57
C ARG B 169 1.90 33.85 -21.75
N LYS B 170 1.74 35.14 -21.47
CA LYS B 170 1.88 36.16 -22.55
C LYS B 170 3.36 36.33 -22.94
N ARG B 171 4.31 36.02 -22.08
CA ARG B 171 5.73 36.11 -22.45
C ARG B 171 6.33 34.80 -22.90
N LEU B 172 5.68 33.70 -22.58
CA LEU B 172 6.21 32.35 -22.85
C LEU B 172 4.98 31.43 -23.07
N ASN B 173 4.50 31.35 -24.31
CA ASN B 173 3.42 30.51 -24.62
C ASN B 173 3.86 29.02 -24.60
N ALA B 174 2.92 28.13 -24.62
CA ALA B 174 3.19 26.73 -24.53
C ALA B 174 4.10 26.24 -25.63
N ARG B 175 3.92 26.75 -26.84
CA ARG B 175 4.74 26.31 -27.91
C ARG B 175 6.19 26.65 -27.68
N HIS B 176 6.43 27.86 -27.25
CA HIS B 176 7.80 28.40 -27.06
C HIS B 176 8.47 27.58 -25.93
N PHE B 177 7.74 27.36 -24.86
CA PHE B 177 8.25 26.61 -23.74
C PHE B 177 8.58 25.16 -24.12
N ALA B 178 7.74 24.50 -24.90
CA ALA B 178 8.01 23.15 -25.48
C ALA B 178 9.33 23.14 -26.22
N GLN B 179 9.62 24.21 -26.96
CA GLN B 179 10.88 24.32 -27.65
C GLN B 179 12.03 24.46 -26.73
N LEU B 180 11.86 25.16 -25.63
CA LEU B 180 12.98 25.31 -24.68
C LEU B 180 13.24 23.97 -24.02
N LEU B 181 12.16 23.26 -23.60
CA LEU B 181 12.26 21.91 -23.03
C LEU B 181 12.93 20.95 -24.00
N SER B 182 12.56 21.02 -25.26
CA SER B 182 13.11 20.17 -26.28
C SER B 182 14.63 20.39 -26.47
N LYS B 183 15.09 21.63 -26.44
CA LYS B 183 16.49 21.91 -26.53
C LYS B 183 17.26 21.44 -25.28
N MET B 184 16.65 21.48 -24.11
CA MET B 184 17.36 21.00 -22.94
C MET B 184 17.44 19.48 -22.97
N GLU B 185 16.40 18.85 -23.44
CA GLU B 185 16.31 17.43 -23.38
C GLU B 185 17.19 16.76 -24.45
N SER B 186 17.28 17.36 -25.61
CA SER B 186 17.98 16.77 -26.73
C SER B 186 19.48 16.78 -26.48
N SER B 187 19.95 17.52 -25.46
CA SER B 187 21.35 17.53 -25.06
C SER B 187 21.64 16.28 -24.20
N LEU B 188 20.64 15.57 -23.72
CA LEU B 188 20.95 14.49 -22.81
C LEU B 188 21.42 13.20 -23.47
N ILE B 189 22.33 12.50 -22.80
CA ILE B 189 22.84 11.17 -23.26
C ILE B 189 22.42 10.21 -22.19
N PRO B 190 21.27 9.58 -22.34
CA PRO B 190 20.72 8.75 -21.29
C PRO B 190 21.67 7.68 -20.86
N ALA B 191 22.46 7.13 -21.79
CA ALA B 191 23.37 6.03 -21.40
C ALA B 191 24.58 6.48 -20.59
N ALA B 192 24.84 7.80 -20.54
CA ALA B 192 25.94 8.31 -19.71
C ALA B 192 25.67 8.09 -18.24
N VAL B 193 24.42 7.79 -17.87
CA VAL B 193 24.07 7.27 -16.56
C VAL B 193 24.99 6.11 -16.19
N PHE B 194 25.29 5.23 -17.18
CA PHE B 194 26.10 4.07 -16.93
C PHE B 194 27.51 4.25 -17.41
N MET B 195 27.67 5.02 -18.49
CA MET B 195 28.92 5.18 -19.23
C MET B 195 29.26 6.65 -19.41
N PRO B 196 29.79 7.31 -18.36
CA PRO B 196 30.01 8.75 -18.41
C PRO B 196 30.98 9.19 -19.49
N TRP B 197 31.88 8.30 -19.90
CA TRP B 197 32.81 8.62 -20.97
C TRP B 197 32.10 9.01 -22.29
N LEU B 198 30.81 8.65 -22.45
CA LEU B 198 30.06 8.99 -23.67
C LEU B 198 29.96 10.51 -23.88
N LEU B 199 30.09 11.29 -22.80
CA LEU B 199 30.06 12.78 -22.89
C LEU B 199 31.25 13.33 -23.61
N ARG B 200 32.25 12.51 -23.81
CA ARG B 200 33.41 12.95 -24.56
C ARG B 200 33.29 12.87 -26.11
N LEU B 201 32.26 12.20 -26.59
CA LEU B 201 32.14 11.97 -28.04
C LEU B 201 31.58 13.23 -28.70
N PRO B 202 31.91 13.47 -29.95
CA PRO B 202 31.44 14.67 -30.56
C PRO B 202 29.96 14.60 -30.92
N LEU B 203 29.36 15.76 -30.83
CA LEU B 203 27.98 15.99 -31.16
C LEU B 203 27.80 16.35 -32.65
N PRO B 204 26.62 16.06 -33.20
CA PRO B 204 26.33 16.40 -34.56
C PRO B 204 26.09 17.92 -34.79
N GLN B 205 25.65 18.62 -33.75
CA GLN B 205 25.48 20.08 -33.76
C GLN B 205 25.61 20.52 -32.29
N SER B 206 25.79 21.81 -32.10
CA SER B 206 26.07 22.30 -30.76
C SER B 206 24.83 22.18 -29.92
N ALA B 207 25.03 21.84 -28.65
CA ALA B 207 23.94 21.65 -27.69
C ALA B 207 23.41 23.05 -27.30
N ARG B 208 22.12 23.14 -27.02
CA ARG B 208 21.52 24.40 -26.68
C ARG B 208 20.83 24.41 -25.31
N CYS B 209 21.20 23.49 -24.46
CA CYS B 209 20.54 23.32 -23.19
C CYS B 209 20.88 24.55 -22.32
N ARG B 210 22.15 24.96 -22.25
CA ARG B 210 22.56 26.07 -21.39
C ARG B 210 21.90 27.35 -21.86
N GLU B 211 21.89 27.56 -23.18
CA GLU B 211 21.21 28.68 -23.76
C GLU B 211 19.74 28.67 -23.46
N ALA B 212 19.10 27.50 -23.57
CA ALA B 212 17.65 27.40 -23.41
C ALA B 212 17.29 27.71 -21.94
N ARG B 213 17.98 27.07 -21.03
CA ARG B 213 17.77 27.35 -19.62
C ARG B 213 17.99 28.82 -19.28
N ALA B 214 19.00 29.46 -19.87
CA ALA B 214 19.25 30.89 -19.61
C ALA B 214 18.12 31.76 -20.12
N GLU B 215 17.56 31.43 -21.29
CA GLU B 215 16.45 32.16 -21.81
C GLU B 215 15.22 32.09 -20.89
N LEU B 216 14.89 30.88 -20.45
CA LEU B 216 13.75 30.71 -19.52
C LEU B 216 14.09 31.52 -18.26
N GLN B 217 15.30 31.42 -17.75
CA GLN B 217 15.61 32.19 -16.52
C GLN B 217 15.49 33.69 -16.67
N LYS B 218 15.86 34.19 -17.84
CA LYS B 218 15.77 35.63 -18.16
C LYS B 218 14.35 36.06 -18.19
N ILE B 219 13.52 35.28 -18.86
CA ILE B 219 12.11 35.59 -18.88
C ILE B 219 11.44 35.57 -17.52
N LEU B 220 11.73 34.54 -16.72
CA LEU B 220 11.13 34.50 -15.40
C LEU B 220 11.54 35.74 -14.52
N GLY B 221 12.80 36.17 -14.65
CA GLY B 221 13.37 37.35 -13.95
C GLY B 221 12.60 38.63 -14.31
N GLU B 222 12.28 38.81 -15.58
CA GLU B 222 11.56 39.98 -16.06
C GLU B 222 10.12 39.95 -15.58
N ILE B 223 9.59 38.74 -15.36
CA ILE B 223 8.24 38.62 -14.86
C ILE B 223 8.19 39.02 -13.42
N ILE B 224 9.19 38.54 -12.69
CA ILE B 224 9.31 38.81 -11.28
C ILE B 224 9.46 40.32 -11.09
N VAL B 225 10.37 40.94 -11.81
CA VAL B 225 10.54 42.40 -11.77
C VAL B 225 9.24 43.17 -12.10
N ALA B 226 8.49 42.71 -13.10
CA ALA B 226 7.24 43.38 -13.44
C ALA B 226 6.11 43.15 -12.41
N ARG B 227 6.09 42.01 -11.73
CA ARG B 227 5.11 41.82 -10.66
C ARG B 227 5.50 42.60 -9.41
N GLU B 228 6.80 42.80 -9.20
CA GLU B 228 7.26 43.53 -8.05
C GLU B 228 6.99 45.02 -8.21
N LYS B 229 6.69 45.48 -9.40
CA LYS B 229 6.29 46.86 -9.55
C LYS B 229 4.82 47.08 -9.14
N GLU B 230 3.94 46.07 -9.30
CA GLU B 230 2.47 46.29 -9.22
C GLU B 230 1.90 46.29 -7.79
N GLU B 231 2.09 45.26 -6.97
CA GLU B 231 1.29 45.19 -5.74
C GLU B 231 2.09 45.57 -4.54
N THR B 238 1.21 36.17 -8.59
CA THR B 238 2.07 35.50 -7.63
C THR B 238 1.30 34.53 -6.64
N SER B 239 0.35 33.78 -7.19
CA SER B 239 -0.20 32.56 -6.57
C SER B 239 -0.11 31.42 -7.62
N ASP B 240 0.54 31.67 -8.75
CA ASP B 240 0.89 30.61 -9.73
C ASP B 240 2.16 29.90 -9.21
N LEU B 241 2.73 28.99 -10.00
CA LEU B 241 3.86 28.19 -9.53
C LEU B 241 5.06 29.06 -9.31
N LEU B 242 5.27 30.04 -10.17
CA LEU B 242 6.36 31.00 -9.98
C LEU B 242 6.20 31.74 -8.62
N GLY B 243 5.01 32.27 -8.34
CA GLY B 243 4.79 33.12 -7.18
C GLY B 243 4.82 32.34 -5.89
N GLY B 244 4.31 31.13 -5.94
CA GLY B 244 4.47 30.20 -4.84
C GLY B 244 5.93 29.95 -4.44
N LEU B 245 6.75 29.57 -5.44
CA LEU B 245 8.14 29.29 -5.20
C LEU B 245 8.88 30.48 -4.75
N LEU B 246 8.56 31.67 -5.22
CA LEU B 246 9.31 32.88 -4.76
C LEU B 246 9.09 33.20 -3.29
N LYS B 247 8.08 32.64 -2.68
CA LYS B 247 7.87 32.82 -1.26
C LYS B 247 8.69 31.85 -0.41
N ALA B 248 9.32 30.85 -1.04
CA ALA B 248 9.99 29.79 -0.30
C ALA B 248 11.23 30.34 0.42
N VAL B 249 11.29 30.02 1.71
CA VAL B 249 12.42 30.35 2.57
C VAL B 249 12.88 29.05 3.23
N TYR B 250 14.16 28.71 3.04
CA TYR B 250 14.71 27.50 3.63
C TYR B 250 14.87 27.60 5.18
N ARG B 251 15.13 26.44 5.83
CA ARG B 251 15.26 26.35 7.32
C ARG B 251 16.29 27.33 7.80
N ASP B 252 17.33 27.51 7.03
CA ASP B 252 18.37 28.48 7.35
C ASP B 252 18.07 29.99 7.12
N GLY B 253 16.84 30.31 6.76
CA GLY B 253 16.37 31.67 6.60
C GLY B 253 16.72 32.29 5.24
N THR B 254 17.46 31.55 4.39
CA THR B 254 17.77 32.06 3.08
C THR B 254 16.62 31.79 2.12
N ARG B 255 16.40 32.70 1.18
CA ARG B 255 15.39 32.55 0.15
C ARG B 255 15.78 31.63 -0.97
N MET B 256 14.76 30.99 -1.53
CA MET B 256 14.96 30.27 -2.79
C MET B 256 15.35 31.29 -3.85
N SER B 257 16.44 31.07 -4.59
CA SER B 257 16.88 32.07 -5.53
C SER B 257 16.14 31.85 -6.81
N LEU B 258 16.20 32.87 -7.68
CA LEU B 258 15.75 32.77 -9.05
C LEU B 258 16.30 31.55 -9.81
N HIS B 259 17.61 31.34 -9.77
CA HIS B 259 18.24 30.14 -10.37
C HIS B 259 17.49 28.81 -9.96
N GLU B 260 17.27 28.65 -8.66
CA GLU B 260 16.55 27.51 -8.05
C GLU B 260 15.11 27.42 -8.45
N VAL B 261 14.43 28.55 -8.39
CA VAL B 261 13.08 28.63 -8.85
C VAL B 261 12.91 28.15 -10.34
N CYS B 262 13.75 28.63 -11.23
CA CYS B 262 13.76 28.23 -12.60
C CYS B 262 13.96 26.70 -12.75
N GLY B 263 14.87 26.15 -11.98
CA GLY B 263 15.23 24.70 -11.99
C GLY B 263 14.06 23.85 -11.58
N MET B 264 13.32 24.33 -10.58
CA MET B 264 12.15 23.63 -10.06
C MET B 264 11.00 23.63 -11.08
N ILE B 265 10.82 24.75 -11.77
CA ILE B 265 9.83 24.82 -12.81
C ILE B 265 10.23 23.87 -13.95
N VAL B 266 11.51 23.87 -14.31
CA VAL B 266 12.02 22.97 -15.35
C VAL B 266 11.76 21.52 -14.94
N ALA B 267 12.07 21.19 -13.70
CA ALA B 267 11.91 19.87 -13.20
C ALA B 267 10.51 19.47 -13.27
N ALA B 268 9.59 20.33 -12.86
CA ALA B 268 8.20 20.00 -12.89
C ALA B 268 7.63 19.79 -14.32
N MET B 269 7.99 20.66 -15.27
CA MET B 269 7.40 20.51 -16.62
C MET B 269 8.03 19.32 -17.36
N PHE B 270 9.32 19.18 -17.19
CA PHE B 270 10.10 18.10 -17.78
C PHE B 270 9.64 16.76 -17.26
N ALA B 271 9.27 16.70 -16.00
CA ALA B 271 8.96 15.44 -15.38
C ALA B 271 7.64 14.87 -15.94
N GLY B 272 6.69 15.76 -16.20
CA GLY B 272 5.36 15.43 -16.72
C GLY B 272 5.23 15.35 -18.24
N GLN B 273 6.14 15.94 -19.01
CA GLN B 273 5.96 16.17 -20.45
C GLN B 273 5.81 14.82 -21.21
N HIS B 274 6.62 13.80 -20.88
CA HIS B 274 6.52 12.55 -21.60
C HIS B 274 5.69 11.56 -20.88
N THR B 275 5.97 11.42 -19.62
CA THR B 275 5.32 10.44 -18.81
C THR B 275 3.81 10.59 -18.84
N SER B 276 3.28 11.83 -18.76
CA SER B 276 1.87 11.95 -18.66
C SER B 276 1.26 11.86 -20.06
N THR B 277 2.01 12.27 -21.04
CA THR B 277 1.61 12.19 -22.48
C THR B 277 1.44 10.73 -22.87
N ILE B 278 2.43 9.94 -22.52
CA ILE B 278 2.39 8.48 -22.76
C ILE B 278 1.23 7.78 -22.04
N THR B 279 1.04 8.13 -20.77
CA THR B 279 -0.09 7.60 -19.99
C THR B 279 -1.42 7.88 -20.59
N THR B 280 -1.61 9.12 -20.98
CA THR B 280 -2.82 9.51 -21.65
C THR B 280 -3.01 8.72 -22.96
N SER B 281 -1.93 8.59 -23.72
CA SER B 281 -1.95 7.91 -25.02
C SER B 281 -2.26 6.43 -24.88
N TRP B 282 -1.54 5.74 -24.01
CA TRP B 282 -1.87 4.35 -23.84
C TRP B 282 -3.33 4.19 -23.36
N SER B 283 -3.73 5.00 -22.37
CA SER B 283 -5.09 4.90 -21.89
C SER B 283 -6.11 4.94 -22.99
N MET B 284 -5.97 5.93 -23.82
CA MET B 284 -6.88 6.10 -24.90
C MET B 284 -6.81 4.98 -25.94
N LEU B 285 -5.60 4.58 -26.30
CA LEU B 285 -5.45 3.50 -27.27
C LEU B 285 -6.10 2.21 -26.75
N HIS B 286 -5.94 1.88 -25.46
CA HIS B 286 -6.56 0.68 -24.95
C HIS B 286 -8.07 0.85 -25.03
N LEU B 287 -8.56 2.00 -24.59
CA LEU B 287 -10.03 2.16 -24.39
C LEU B 287 -10.74 2.13 -25.72
N MET B 288 -10.09 2.63 -26.78
CA MET B 288 -10.76 2.70 -28.10
C MET B 288 -10.66 1.37 -28.90
N HIS B 289 -9.84 0.41 -28.45
CA HIS B 289 -9.63 -0.85 -29.20
C HIS B 289 -10.89 -1.74 -29.02
N PRO B 290 -11.38 -2.33 -30.13
CA PRO B 290 -12.66 -3.00 -30.08
C PRO B 290 -12.70 -4.06 -29.00
N LYS B 291 -11.62 -4.73 -28.71
CA LYS B 291 -11.75 -5.76 -27.69
C LYS B 291 -11.96 -5.24 -26.25
N ASN B 292 -11.79 -3.95 -26.05
CA ASN B 292 -12.03 -3.30 -24.76
C ASN B 292 -13.35 -2.54 -24.75
N LYS B 293 -14.26 -2.91 -25.65
CA LYS B 293 -15.52 -2.22 -25.78
C LYS B 293 -16.25 -2.19 -24.43
N LYS B 294 -16.14 -3.27 -23.67
CA LYS B 294 -16.83 -3.36 -22.42
C LYS B 294 -16.23 -2.39 -21.40
N TRP B 295 -14.94 -2.16 -21.48
CA TRP B 295 -14.33 -1.15 -20.64
C TRP B 295 -14.69 0.26 -21.05
N LEU B 296 -14.74 0.54 -22.35
CA LEU B 296 -15.15 1.88 -22.83
C LEU B 296 -16.63 2.13 -22.42
N ASP B 297 -17.46 1.08 -22.44
CA ASP B 297 -18.88 1.26 -21.97
C ASP B 297 -18.92 1.66 -20.48
N LYS B 298 -18.14 0.94 -19.70
CA LYS B 298 -18.09 1.17 -18.28
C LYS B 298 -17.52 2.56 -17.98
N LEU B 299 -16.52 3.02 -18.74
CA LEU B 299 -16.09 4.42 -18.64
C LEU B 299 -17.23 5.43 -18.96
N HIS B 300 -17.96 5.19 -20.03
CA HIS B 300 -19.06 6.07 -20.39
C HIS B 300 -20.13 6.06 -19.30
N LYS B 301 -20.47 4.91 -18.77
CA LYS B 301 -21.45 4.83 -17.66
C LYS B 301 -20.99 5.73 -16.53
N GLU B 302 -19.69 5.72 -16.24
CA GLU B 302 -19.17 6.54 -15.16
C GLU B 302 -19.22 8.05 -15.45
N ILE B 303 -18.95 8.47 -16.68
CA ILE B 303 -18.88 9.92 -16.94
C ILE B 303 -20.09 10.58 -17.59
N ASP B 304 -21.03 9.78 -18.12
CA ASP B 304 -22.07 10.35 -18.98
C ASP B 304 -23.03 11.25 -18.18
N GLU B 305 -23.22 10.95 -16.88
CA GLU B 305 -23.97 11.84 -15.95
C GLU B 305 -23.25 13.10 -15.49
N PHE B 306 -21.98 13.31 -15.84
CA PHE B 306 -21.35 14.55 -15.42
C PHE B 306 -21.89 15.78 -16.11
N PRO B 307 -21.90 16.91 -15.40
CA PRO B 307 -22.07 18.24 -15.99
C PRO B 307 -21.06 18.51 -17.09
N ALA B 308 -21.44 19.42 -17.96
CA ALA B 308 -20.62 19.92 -19.03
C ALA B 308 -19.34 20.51 -18.51
N GLN B 309 -19.44 21.25 -17.41
CA GLN B 309 -18.25 21.80 -16.75
C GLN B 309 -17.95 20.89 -15.60
N LEU B 310 -16.87 20.11 -15.71
CA LEU B 310 -16.48 19.24 -14.62
C LEU B 310 -15.83 20.07 -13.55
N ASN B 311 -15.83 19.51 -12.37
CA ASN B 311 -15.18 20.09 -11.21
C ASN B 311 -14.34 19.06 -10.49
N TYR B 312 -13.70 19.55 -9.45
CA TYR B 312 -12.73 18.83 -8.73
C TYR B 312 -13.35 17.59 -8.09
N ASP B 313 -14.48 17.76 -7.45
CA ASP B 313 -15.19 16.58 -6.96
C ASP B 313 -15.43 15.49 -8.02
N ASN B 314 -15.81 15.89 -9.24
CA ASN B 314 -16.12 14.93 -10.30
C ASN B 314 -14.89 14.02 -10.64
N VAL B 315 -13.76 14.69 -10.79
CA VAL B 315 -12.54 14.05 -11.21
C VAL B 315 -11.86 13.35 -10.06
N MET B 316 -11.86 13.99 -8.88
CA MET B 316 -11.19 13.40 -7.76
C MET B 316 -11.95 12.31 -7.08
N ASP B 317 -13.25 12.42 -6.95
CA ASP B 317 -13.97 11.37 -6.20
C ASP B 317 -14.89 10.49 -6.99
N GLU B 318 -15.29 10.89 -8.19
CA GLU B 318 -16.33 10.14 -8.94
C GLU B 318 -15.78 9.47 -10.21
N MET B 319 -14.47 9.30 -10.28
CA MET B 319 -13.85 8.63 -11.44
C MET B 319 -12.93 7.42 -11.06
N PRO B 320 -13.33 6.57 -10.11
CA PRO B 320 -12.49 5.43 -9.72
C PRO B 320 -12.20 4.43 -10.89
N PHE B 321 -13.11 4.26 -11.84
CA PHE B 321 -12.87 3.34 -12.92
C PHE B 321 -11.88 3.92 -13.93
N ALA B 322 -12.03 5.19 -14.33
CA ALA B 322 -11.05 5.86 -15.17
C ALA B 322 -9.69 5.79 -14.59
N GLU B 323 -9.61 6.00 -13.29
CA GLU B 323 -8.32 5.94 -12.62
C GLU B 323 -7.73 4.53 -12.71
N ARG B 324 -8.56 3.50 -12.64
CA ARG B 324 -8.04 2.12 -12.82
C ARG B 324 -7.54 1.94 -14.28
N CYS B 325 -8.19 2.61 -15.26
CA CYS B 325 -7.79 2.50 -16.63
C CYS B 325 -6.42 3.15 -16.79
N VAL B 326 -6.23 4.27 -16.13
CA VAL B 326 -4.95 4.99 -16.19
C VAL B 326 -3.83 4.20 -15.47
N ARG B 327 -4.11 3.79 -14.25
CA ARG B 327 -3.15 2.99 -13.53
C ARG B 327 -2.80 1.67 -14.27
N GLU B 328 -3.76 1.00 -14.85
CA GLU B 328 -3.45 -0.27 -15.56
C GLU B 328 -2.61 -0.04 -16.83
N SER B 329 -2.75 1.12 -17.41
CA SER B 329 -1.93 1.50 -18.53
C SER B 329 -0.44 1.67 -18.11
N ILE B 330 -0.17 2.33 -16.99
CA ILE B 330 1.19 2.51 -16.43
C ILE B 330 1.67 1.12 -15.95
N ARG B 331 0.75 0.29 -15.50
CA ARG B 331 1.15 -1.05 -15.00
C ARG B 331 1.66 -1.84 -16.15
N ARG B 332 0.87 -1.94 -17.26
CA ARG B 332 1.29 -2.71 -18.44
C ARG B 332 2.52 -2.14 -19.12
N ASP B 333 2.54 -0.80 -19.33
CA ASP B 333 3.61 -0.17 -20.10
C ASP B 333 4.13 1.14 -19.39
N PRO B 334 4.86 0.92 -18.33
CA PRO B 334 5.29 2.03 -17.53
C PRO B 334 6.30 2.84 -18.29
N PRO B 335 6.18 4.18 -18.22
CA PRO B 335 7.03 5.00 -19.07
C PRO B 335 8.46 5.10 -18.57
N LEU B 336 8.69 4.93 -17.25
CA LEU B 336 10.01 4.85 -16.74
C LEU B 336 10.19 3.38 -16.44
N LEU B 337 11.16 2.77 -17.14
CA LEU B 337 11.40 1.30 -17.05
C LEU B 337 12.20 0.83 -15.86
N MET B 338 13.09 1.71 -15.32
CA MET B 338 14.00 1.45 -14.26
C MET B 338 14.11 2.64 -13.30
N VAL B 339 14.20 2.34 -12.02
CA VAL B 339 14.50 3.29 -10.94
C VAL B 339 15.87 2.83 -10.35
N MET B 340 16.80 3.75 -10.20
CA MET B 340 18.19 3.47 -9.96
C MET B 340 18.73 4.23 -8.83
N ARG B 341 19.71 3.60 -8.20
CA ARG B 341 20.55 4.15 -7.10
C ARG B 341 22.01 3.66 -7.19
N MET B 342 22.95 4.49 -6.71
CA MET B 342 24.28 4.10 -6.59
C MET B 342 24.40 3.46 -5.18
N VAL B 343 25.00 2.28 -5.11
CA VAL B 343 25.20 1.56 -3.85
C VAL B 343 26.48 2.14 -3.19
N LYS B 344 26.30 2.79 -2.06
CA LYS B 344 27.40 3.49 -1.38
C LYS B 344 27.95 2.59 -0.29
N ALA B 345 27.10 1.72 0.23
CA ALA B 345 27.53 0.64 1.10
C ALA B 345 26.80 -0.67 0.76
N GLU B 346 27.48 -1.79 0.94
CA GLU B 346 26.92 -3.11 0.68
C GLU B 346 25.53 -3.23 1.26
N VAL B 347 24.61 -3.79 0.51
CA VAL B 347 23.25 -4.02 1.02
C VAL B 347 22.76 -5.41 0.73
N LYS B 348 21.92 -5.92 1.64
CA LYS B 348 21.32 -7.24 1.57
C LYS B 348 20.08 -7.20 0.70
N VAL B 349 19.99 -8.12 -0.23
CA VAL B 349 18.78 -8.31 -0.99
C VAL B 349 18.54 -9.80 -1.18
N GLY B 350 17.43 -10.28 -0.66
CA GLY B 350 17.17 -11.69 -0.52
C GLY B 350 18.33 -12.36 0.16
N SER B 351 18.81 -13.37 -0.51
CA SER B 351 19.88 -14.16 0.04
C SER B 351 21.22 -13.62 -0.50
N TYR B 352 21.20 -12.42 -1.10
CA TYR B 352 22.40 -11.89 -1.70
C TYR B 352 22.84 -10.64 -1.01
N VAL B 353 24.09 -10.31 -1.25
CA VAL B 353 24.61 -8.94 -0.99
C VAL B 353 25.05 -8.20 -2.28
N VAL B 354 24.66 -6.94 -2.38
CA VAL B 354 25.05 -6.09 -3.49
C VAL B 354 26.17 -5.15 -3.10
N PRO B 355 27.29 -5.16 -3.84
CA PRO B 355 28.41 -4.49 -3.31
C PRO B 355 28.42 -3.07 -3.69
N LYS B 356 29.25 -2.33 -2.97
CA LYS B 356 29.49 -0.94 -3.21
C LYS B 356 29.87 -0.69 -4.65
N GLY B 357 29.40 0.39 -5.26
CA GLY B 357 29.84 0.73 -6.63
C GLY B 357 28.97 0.16 -7.70
N ASP B 358 28.15 -0.86 -7.39
CA ASP B 358 27.04 -1.22 -8.27
C ASP B 358 26.02 -0.11 -8.39
N ILE B 359 25.37 -0.08 -9.54
CA ILE B 359 24.10 0.55 -9.64
C ILE B 359 23.09 -0.54 -9.33
N ILE B 360 22.14 -0.23 -8.48
CA ILE B 360 21.05 -1.08 -8.16
C ILE B 360 19.80 -0.50 -8.72
N ALA B 361 18.96 -1.36 -9.26
CA ALA B 361 17.73 -0.92 -9.90
C ALA B 361 16.59 -1.79 -9.56
N CYS B 362 15.40 -1.17 -9.53
CA CYS B 362 14.15 -1.84 -9.51
C CYS B 362 13.51 -1.44 -10.79
N SER B 363 12.83 -2.33 -11.47
CA SER B 363 12.28 -2.05 -12.80
C SER B 363 10.76 -2.16 -12.76
N PRO B 364 10.04 -1.02 -12.88
CA PRO B 364 8.59 -1.18 -13.01
C PRO B 364 8.27 -2.12 -14.17
N LEU B 365 9.04 -2.05 -15.25
CA LEU B 365 8.81 -2.92 -16.42
C LEU B 365 8.84 -4.41 -16.00
N LEU B 366 9.92 -4.81 -15.38
CA LEU B 366 10.07 -6.23 -15.02
C LEU B 366 9.03 -6.58 -13.99
N SER B 367 8.94 -5.77 -12.94
CA SER B 367 8.12 -6.10 -11.80
C SER B 367 6.66 -6.21 -12.17
N HIS B 368 6.18 -5.37 -13.11
CA HIS B 368 4.83 -5.35 -13.50
C HIS B 368 4.43 -6.45 -14.44
N HIS B 369 5.44 -7.18 -14.93
CA HIS B 369 5.24 -8.39 -15.69
C HIS B 369 5.51 -9.66 -14.90
N ASP B 370 5.76 -9.50 -13.61
CA ASP B 370 5.87 -10.68 -12.76
C ASP B 370 4.55 -11.49 -12.70
N GLU B 371 4.62 -12.77 -13.10
CA GLU B 371 3.45 -13.65 -13.23
C GLU B 371 2.68 -13.81 -11.94
N GLU B 372 3.39 -13.88 -10.82
CA GLU B 372 2.72 -13.99 -9.56
C GLU B 372 1.97 -12.68 -9.23
N ALA B 373 2.66 -11.55 -9.36
CA ALA B 373 2.03 -10.27 -9.02
C ALA B 373 0.93 -9.88 -9.94
N PHE B 374 1.08 -10.21 -11.22
CA PHE B 374 0.20 -9.72 -12.23
C PHE B 374 -0.01 -10.82 -13.23
N PRO B 375 -0.84 -11.82 -12.89
CA PRO B 375 -1.04 -12.91 -13.87
C PRO B 375 -1.57 -12.43 -15.27
N ASN B 376 -1.05 -13.07 -16.29
CA ASN B 376 -1.32 -12.72 -17.66
C ASN B 376 -0.97 -11.27 -17.92
N PRO B 377 0.30 -10.88 -17.67
CA PRO B 377 0.63 -9.43 -17.60
C PRO B 377 0.46 -8.67 -18.94
N ARG B 378 0.45 -9.33 -20.10
CA ARG B 378 0.30 -8.57 -21.31
C ARG B 378 -1.15 -8.19 -21.53
N LEU B 379 -2.06 -8.73 -20.75
CA LEU B 379 -3.46 -8.37 -20.86
C LEU B 379 -3.73 -7.07 -20.14
N TRP B 380 -4.32 -6.11 -20.82
CA TRP B 380 -4.68 -4.84 -20.20
C TRP B 380 -6.05 -5.09 -19.55
N ASP B 381 -6.10 -5.03 -18.23
CA ASP B 381 -7.32 -5.39 -17.47
C ASP B 381 -7.46 -4.40 -16.36
N PRO B 382 -8.28 -3.39 -16.57
CA PRO B 382 -8.38 -2.34 -15.53
C PRO B 382 -8.90 -2.83 -14.19
N GLU B 383 -9.62 -3.94 -14.20
CA GLU B 383 -10.28 -4.57 -13.02
C GLU B 383 -9.26 -5.35 -12.25
N ARG B 384 -8.05 -5.56 -12.76
CA ARG B 384 -7.07 -6.29 -11.96
C ARG B 384 -6.59 -5.53 -10.71
N ASP B 385 -5.98 -6.29 -9.81
CA ASP B 385 -5.27 -5.74 -8.64
C ASP B 385 -3.95 -6.52 -8.51
N GLU B 386 -2.89 -5.86 -8.04
CA GLU B 386 -1.66 -6.51 -7.71
C GLU B 386 -1.91 -7.64 -6.73
N LYS B 387 -1.22 -8.75 -6.91
CA LYS B 387 -1.38 -9.95 -5.98
C LYS B 387 -0.19 -10.18 -5.06
N VAL B 388 0.81 -9.29 -5.15
CA VAL B 388 1.91 -9.22 -4.26
C VAL B 388 1.87 -7.75 -3.87
N ASP B 389 1.89 -7.48 -2.56
CA ASP B 389 1.76 -6.11 -2.07
C ASP B 389 2.99 -5.31 -2.48
N GLY B 390 2.81 -4.08 -2.94
CA GLY B 390 3.91 -3.20 -3.27
C GLY B 390 4.43 -3.49 -4.65
N ALA B 391 3.87 -4.45 -5.39
CA ALA B 391 4.39 -4.82 -6.72
C ALA B 391 4.30 -3.73 -7.78
N PHE B 392 3.22 -2.93 -7.74
CA PHE B 392 3.06 -1.76 -8.61
C PHE B 392 3.95 -0.67 -8.08
N ILE B 393 4.88 -0.24 -8.93
CA ILE B 393 5.88 0.79 -8.56
C ILE B 393 6.04 1.81 -9.73
N GLY B 394 4.97 1.94 -10.49
CA GLY B 394 4.88 2.89 -11.62
C GLY B 394 5.21 4.36 -11.28
N PHE B 395 4.87 4.76 -10.04
CA PHE B 395 5.20 6.11 -9.45
C PHE B 395 6.19 5.96 -8.29
N GLY B 396 7.04 4.92 -8.32
CA GLY B 396 7.92 4.63 -7.25
C GLY B 396 7.29 4.31 -5.93
N ALA B 397 8.07 4.50 -4.89
CA ALA B 397 7.72 4.06 -3.54
C ALA B 397 8.69 4.60 -2.50
N GLY B 398 8.20 4.68 -1.26
CA GLY B 398 9.02 5.20 -0.14
C GLY B 398 9.45 6.63 -0.25
N VAL B 399 10.65 6.93 0.23
CA VAL B 399 11.10 8.31 0.27
C VAL B 399 11.01 9.06 -1.06
N HIS B 400 11.34 8.38 -2.15
CA HIS B 400 11.43 9.03 -3.42
C HIS B 400 10.23 8.83 -4.37
N LYS B 401 9.09 8.45 -3.84
CA LYS B 401 7.90 8.28 -4.63
C LYS B 401 7.52 9.58 -5.29
N CYS B 402 6.80 9.50 -6.41
CA CYS B 402 6.52 10.67 -7.26
C CYS B 402 5.70 11.73 -6.51
N ILE B 403 6.10 12.96 -6.60
CA ILE B 403 5.37 14.06 -5.95
C ILE B 403 4.43 14.66 -6.98
N GLY B 404 4.59 14.26 -8.25
CA GLY B 404 3.72 14.74 -9.29
C GLY B 404 2.51 13.84 -9.62
N GLN B 405 2.37 12.74 -8.92
CA GLN B 405 1.41 11.72 -9.23
C GLN B 405 -0.06 12.18 -9.22
N LYS B 406 -0.48 12.92 -8.18
CA LYS B 406 -1.86 13.38 -8.12
C LYS B 406 -2.20 14.35 -9.23
N PHE B 407 -1.31 15.26 -9.54
CA PHE B 407 -1.47 16.19 -10.63
C PHE B 407 -1.51 15.49 -11.96
N ALA B 408 -0.59 14.56 -12.21
CA ALA B 408 -0.59 13.84 -13.49
C ALA B 408 -1.92 13.11 -13.67
N LEU B 409 -2.32 12.37 -12.66
CA LEU B 409 -3.63 11.68 -12.71
C LEU B 409 -4.80 12.62 -12.93
N LEU B 410 -4.75 13.80 -12.34
CA LEU B 410 -5.78 14.79 -12.54
C LEU B 410 -5.91 15.18 -13.96
N GLN B 411 -4.78 15.53 -14.52
CA GLN B 411 -4.67 15.83 -15.90
C GLN B 411 -5.19 14.72 -16.84
N VAL B 412 -4.67 13.51 -16.66
CA VAL B 412 -5.00 12.41 -17.55
C VAL B 412 -6.52 12.13 -17.52
N LYS B 413 -7.03 12.01 -16.32
CA LYS B 413 -8.43 11.76 -16.07
C LYS B 413 -9.34 12.79 -16.62
N THR B 414 -8.90 14.04 -16.55
CA THR B 414 -9.70 15.16 -17.11
C THR B 414 -9.69 15.17 -18.62
N ILE B 415 -8.56 14.84 -19.22
CA ILE B 415 -8.48 14.81 -20.63
C ILE B 415 -9.37 13.67 -21.20
N LEU B 416 -9.34 12.52 -20.59
CA LEU B 416 -10.14 11.39 -21.03
C LEU B 416 -11.62 11.65 -20.91
N ALA B 417 -12.02 12.24 -19.79
CA ALA B 417 -13.41 12.60 -19.60
C ALA B 417 -13.88 13.62 -20.62
N THR B 418 -13.01 14.54 -21.04
CA THR B 418 -13.40 15.59 -21.95
C THR B 418 -13.44 15.04 -23.37
N ALA B 419 -12.43 14.29 -23.75
CA ALA B 419 -12.32 13.75 -25.07
C ALA B 419 -13.38 12.71 -25.41
N PHE B 420 -13.62 11.77 -24.51
CA PHE B 420 -14.52 10.68 -24.81
C PHE B 420 -15.97 11.13 -24.74
N ARG B 421 -16.26 12.23 -24.02
CA ARG B 421 -17.61 12.73 -23.98
C ARG B 421 -17.98 13.38 -25.34
N GLU B 422 -17.01 13.91 -26.07
CA GLU B 422 -17.33 14.65 -27.28
C GLU B 422 -16.99 13.95 -28.63
N TYR B 423 -16.22 12.85 -28.58
CA TYR B 423 -15.74 12.20 -29.78
C TYR B 423 -15.73 10.71 -29.62
N ASP B 424 -15.77 10.01 -30.75
CA ASP B 424 -15.48 8.60 -30.77
C ASP B 424 -14.16 8.43 -31.50
N PHE B 425 -13.41 7.35 -31.18
CA PHE B 425 -12.12 7.11 -31.80
C PHE B 425 -11.97 5.70 -32.32
N GLN B 426 -11.28 5.58 -33.44
CA GLN B 426 -10.97 4.28 -34.00
C GLN B 426 -9.46 4.24 -34.22
N LEU B 427 -8.86 3.20 -33.70
CA LEU B 427 -7.47 2.97 -33.92
C LEU B 427 -7.24 2.42 -35.32
N LEU B 428 -6.25 2.94 -36.03
CA LEU B 428 -6.07 2.53 -37.41
C LEU B 428 -5.02 1.48 -37.56
N ARG B 429 -5.17 0.41 -36.79
N ARG B 429 -5.02 0.49 -36.67
CA ARG B 429 -4.18 -0.61 -36.60
CA ARG B 429 -4.10 -0.63 -36.65
C ARG B 429 -4.95 -1.77 -36.01
C ARG B 429 -4.95 -1.76 -36.07
N ASP B 430 -4.48 -2.98 -36.29
CA ASP B 430 -5.16 -4.18 -35.82
C ASP B 430 -5.10 -4.33 -34.32
N GLU B 431 -3.93 -4.06 -33.75
CA GLU B 431 -3.66 -4.23 -32.30
C GLU B 431 -3.15 -2.91 -31.76
N VAL B 432 -3.16 -2.72 -30.44
CA VAL B 432 -2.58 -1.47 -29.86
C VAL B 432 -1.11 -1.46 -30.23
N PRO B 433 -0.53 -0.29 -30.31
CA PRO B 433 0.89 -0.22 -30.61
C PRO B 433 1.83 -1.05 -29.71
N ASP B 434 2.96 -1.45 -30.28
CA ASP B 434 4.07 -1.91 -29.54
C ASP B 434 4.72 -0.69 -28.92
N PRO B 435 5.24 -0.89 -27.76
CA PRO B 435 6.11 0.08 -27.11
C PRO B 435 7.41 0.27 -27.89
N ASP B 436 7.91 1.49 -27.95
CA ASP B 436 9.18 1.76 -28.58
C ASP B 436 10.22 1.94 -27.47
N TYR B 437 11.06 0.93 -27.27
CA TYR B 437 12.00 0.90 -26.13
C TYR B 437 13.24 1.77 -26.36
N HIS B 438 13.26 2.53 -27.44
CA HIS B 438 14.47 3.20 -27.87
C HIS B 438 14.63 4.62 -27.35
N THR B 439 13.61 5.13 -26.68
CA THR B 439 13.69 6.41 -26.05
C THR B 439 13.73 6.21 -24.53
N MET B 440 14.42 7.10 -23.86
CA MET B 440 14.58 7.02 -22.40
C MET B 440 13.24 7.07 -21.66
N VAL B 441 12.31 7.88 -22.10
CA VAL B 441 10.95 7.68 -21.57
C VAL B 441 10.19 6.91 -22.62
N VAL B 442 9.65 5.75 -22.25
CA VAL B 442 9.11 4.80 -23.19
C VAL B 442 7.62 4.95 -23.35
N GLY B 443 7.19 5.14 -24.62
CA GLY B 443 5.78 5.11 -24.97
C GLY B 443 5.45 4.26 -26.19
N PRO B 444 4.22 4.38 -26.67
CA PRO B 444 3.86 3.65 -27.92
C PRO B 444 4.61 4.14 -29.16
N THR B 445 4.93 3.25 -30.06
CA THR B 445 5.67 3.61 -31.27
C THR B 445 4.88 4.69 -32.00
N LEU B 446 5.51 5.81 -32.23
CA LEU B 446 4.82 7.03 -32.75
C LEU B 446 4.07 6.72 -34.03
N ASN B 447 4.72 6.04 -34.99
CA ASN B 447 4.00 5.81 -36.29
C ASN B 447 2.91 4.76 -36.26
N GLN B 448 2.68 4.20 -35.10
CA GLN B 448 1.55 3.30 -34.90
C GLN B 448 0.39 3.93 -34.20
N CYS B 449 0.44 5.25 -33.99
CA CYS B 449 -0.60 5.92 -33.19
C CYS B 449 -1.62 6.78 -34.02
N LEU B 450 -1.76 6.44 -35.31
CA LEU B 450 -2.77 7.04 -36.15
C LEU B 450 -4.15 6.57 -35.72
N VAL B 451 -4.99 7.54 -35.44
CA VAL B 451 -6.36 7.33 -34.99
C VAL B 451 -7.33 8.17 -35.79
N LYS B 452 -8.55 7.66 -35.96
CA LYS B 452 -9.61 8.43 -36.59
C LYS B 452 -10.64 8.91 -35.55
N TYR B 453 -10.84 10.19 -35.47
CA TYR B 453 -11.88 10.73 -34.59
C TYR B 453 -13.17 10.97 -35.32
N THR B 454 -14.27 10.80 -34.61
CA THR B 454 -15.60 11.13 -35.10
C THR B 454 -16.30 11.94 -34.03
N ARG B 455 -16.60 13.21 -34.34
CA ARG B 455 -17.51 14.03 -33.48
C ARG B 455 -18.83 13.36 -33.14
N LYS B 456 -19.18 13.32 -31.87
CA LYS B 456 -20.43 12.72 -31.43
C LYS B 456 -21.64 13.58 -31.82
N LYS B 457 -21.53 14.92 -31.72
CA LYS B 457 -22.57 15.85 -32.27
C LYS B 457 -21.97 16.41 -33.56
N LYS B 458 -22.53 15.98 -34.69
CA LYS B 458 -21.90 16.08 -36.03
C LYS B 458 -21.28 17.45 -36.41
#